data_8T5P
#
_entry.id   8T5P
#
_cell.length_a   82.350
_cell.length_b   83.750
_cell.length_c   83.800
_cell.angle_alpha   60.030
_cell.angle_beta   79.260
_cell.angle_gamma   83.800
#
_symmetry.space_group_name_H-M   'P 1'
#
loop_
_entity.id
_entity.type
_entity.pdbx_description
1 polymer 'TNF receptor-associated factor 3'
2 polymer 'ORF3a protein'
3 water water
#
loop_
_entity_poly.entity_id
_entity_poly.type
_entity_poly.pdbx_seq_one_letter_code
_entity_poly.pdbx_strand_id
1 'polypeptide(L)'
;NTGLLESQLSRHDQMLSVHDIRLADMDLRFQVLETASYNGVLIWKIRDYKRRKQEAVMGKTLSLYSQPFYTGYFGYKMCA
RVYLNGDGMGKGTHLSLFFVIMRGEYDALLPWPFKQKVTLMLMDQGSSRRHLGDAFKPDPNSSSFKKPTGEMNIASGCPV
FVAQTVLENGTYIKDDTIFIKVIVDTSDLPDP
;
A,B,C,D,E,F
2 'polypeptide(L)' PIQAS G,H,I
#
# COMPACT_ATOMS: atom_id res chain seq x y z
N THR A 2 52.39 -53.13 2.70
CA THR A 2 53.01 -51.80 2.53
C THR A 2 52.99 -51.31 1.08
N GLY A 3 53.12 -52.23 0.11
CA GLY A 3 52.80 -51.88 -1.27
C GLY A 3 51.31 -51.70 -1.48
N LEU A 4 50.51 -52.54 -0.84
CA LEU A 4 49.06 -52.34 -0.85
C LEU A 4 48.66 -51.05 -0.12
N LEU A 5 49.27 -50.77 1.04
CA LEU A 5 48.97 -49.52 1.73
C LEU A 5 49.34 -48.33 0.87
N GLU A 6 50.51 -48.38 0.23
CA GLU A 6 50.93 -47.28 -0.63
C GLU A 6 49.97 -47.10 -1.81
N SER A 7 49.49 -48.19 -2.38
CA SER A 7 48.55 -48.09 -3.50
C SER A 7 47.24 -47.41 -3.10
N GLN A 8 46.67 -47.79 -1.96
CA GLN A 8 45.41 -47.15 -1.57
C GLN A 8 45.64 -45.68 -1.19
N LEU A 9 46.79 -45.36 -0.56
CA LEU A 9 47.08 -43.95 -0.28
C LEU A 9 47.14 -43.16 -1.58
N SER A 10 47.82 -43.70 -2.58
CA SER A 10 47.85 -43.04 -3.87
C SER A 10 46.45 -42.93 -4.48
N ARG A 11 45.62 -43.95 -4.32
CA ARG A 11 44.27 -43.85 -4.86
C ARG A 11 43.45 -42.76 -4.14
N HIS A 12 43.59 -42.64 -2.81
CA HIS A 12 42.87 -41.57 -2.11
C HIS A 12 43.41 -40.19 -2.46
N ASP A 13 44.73 -40.03 -2.60
CA ASP A 13 45.27 -38.73 -2.97
C ASP A 13 44.69 -38.26 -4.31
N GLN A 14 44.58 -39.18 -5.28
CA GLN A 14 44.03 -38.80 -6.58
C GLN A 14 42.59 -38.31 -6.45
N MET A 15 41.74 -39.13 -5.82
CA MET A 15 40.35 -38.72 -5.59
C MET A 15 40.26 -37.40 -4.83
N LEU A 16 41.13 -37.18 -3.84
CA LEU A 16 41.13 -35.89 -3.14
C LEU A 16 41.41 -34.73 -4.10
N SER A 17 42.31 -34.91 -5.08
CA SER A 17 42.56 -33.84 -6.04
C SER A 17 41.35 -33.59 -6.93
N VAL A 18 40.75 -34.64 -7.47
CA VAL A 18 39.53 -34.48 -8.27
C VAL A 18 38.45 -33.73 -7.48
N HIS A 19 38.24 -34.11 -6.22
CA HIS A 19 37.29 -33.37 -5.40
C HIS A 19 37.68 -31.89 -5.26
N ASP A 20 38.97 -31.61 -5.07
CA ASP A 20 39.41 -30.21 -4.92
C ASP A 20 39.12 -29.39 -6.18
N ILE A 21 39.40 -29.96 -7.35
CA ILE A 21 38.99 -29.34 -8.61
C ILE A 21 37.48 -29.17 -8.66
N ARG A 22 36.73 -30.25 -8.38
CA ARG A 22 35.27 -30.17 -8.49
C ARG A 22 34.69 -29.13 -7.54
N LEU A 23 35.22 -29.05 -6.31
CA LEU A 23 34.76 -28.04 -5.34
C LEU A 23 35.05 -26.63 -5.85
N ALA A 24 36.29 -26.39 -6.30
CA ALA A 24 36.64 -25.08 -6.86
C ALA A 24 35.71 -24.71 -8.00
N ASP A 25 35.35 -25.69 -8.82
CA ASP A 25 34.53 -25.40 -9.99
C ASP A 25 33.09 -25.06 -9.62
N MET A 26 32.56 -25.63 -8.52
CA MET A 26 31.22 -25.20 -8.12
C MET A 26 31.23 -23.84 -7.44
N ASP A 27 32.34 -23.48 -6.80
CA ASP A 27 32.49 -22.10 -6.36
C ASP A 27 32.22 -21.13 -7.50
N LEU A 28 32.84 -21.36 -8.67
CA LEU A 28 32.58 -20.47 -9.81
C LEU A 28 31.13 -20.53 -10.24
N ARG A 29 30.57 -21.73 -10.36
CA ARG A 29 29.17 -21.87 -10.70
C ARG A 29 28.24 -21.10 -9.75
N PHE A 30 28.54 -21.11 -8.45
CA PHE A 30 27.74 -20.35 -7.49
C PHE A 30 27.80 -18.86 -7.80
N GLN A 31 28.99 -18.35 -8.13
CA GLN A 31 29.15 -16.92 -8.42
C GLN A 31 28.46 -16.52 -9.72
N VAL A 32 28.48 -17.39 -10.73
CA VAL A 32 27.70 -17.18 -11.95
C VAL A 32 26.20 -17.13 -11.64
N LEU A 33 25.72 -18.08 -10.83
CA LEU A 33 24.28 -18.11 -10.52
C LEU A 33 23.87 -16.92 -9.66
N GLU A 34 24.70 -16.57 -8.66
CA GLU A 34 24.40 -15.45 -7.77
C GLU A 34 24.36 -14.10 -8.49
N THR A 35 24.95 -13.97 -9.69
CA THR A 35 24.92 -12.72 -10.45
C THR A 35 24.17 -12.84 -11.77
N ALA A 36 23.32 -13.85 -11.93
CA ALA A 36 22.54 -13.98 -13.15
C ALA A 36 21.45 -12.92 -13.21
N SER A 37 21.07 -12.54 -14.42
CA SER A 37 20.00 -11.57 -14.60
C SER A 37 19.16 -11.97 -15.80
N TYR A 38 17.83 -11.98 -15.65
CA TYR A 38 16.95 -12.53 -16.67
C TYR A 38 15.98 -11.49 -17.21
N ASN A 39 16.27 -10.20 -17.00
CA ASN A 39 15.46 -9.10 -17.49
C ASN A 39 16.17 -8.28 -18.56
N GLY A 40 17.26 -8.81 -19.13
CA GLY A 40 17.94 -8.14 -20.22
C GLY A 40 18.87 -7.00 -19.84
N VAL A 41 19.20 -6.83 -18.56
CA VAL A 41 20.07 -5.74 -18.11
C VAL A 41 21.23 -6.34 -17.33
N LEU A 42 22.47 -6.06 -17.77
CA LEU A 42 23.67 -6.57 -17.11
C LEU A 42 24.36 -5.43 -16.36
N ILE A 43 24.65 -5.64 -15.08
CA ILE A 43 25.57 -4.79 -14.33
C ILE A 43 26.79 -5.63 -14.02
N TRP A 44 27.96 -5.14 -14.43
CA TRP A 44 29.21 -5.89 -14.36
C TRP A 44 30.17 -5.11 -13.49
N LYS A 45 30.60 -5.72 -12.39
CA LYS A 45 31.51 -5.08 -11.45
C LYS A 45 32.92 -5.61 -11.71
N ILE A 46 33.86 -4.71 -11.97
CA ILE A 46 35.25 -5.09 -12.22
C ILE A 46 36.10 -4.50 -11.09
N ARG A 47 36.59 -5.36 -10.22
CA ARG A 47 37.47 -4.94 -9.14
C ARG A 47 38.93 -5.07 -9.57
N ASP A 48 39.81 -4.38 -8.81
CA ASP A 48 41.26 -4.35 -9.07
C ASP A 48 41.60 -3.79 -10.44
N TYR A 49 41.06 -2.62 -10.75
CA TYR A 49 41.29 -1.99 -12.04
C TYR A 49 42.79 -1.87 -12.35
N LYS A 50 43.54 -1.17 -11.48
CA LYS A 50 44.96 -0.93 -11.71
C LYS A 50 45.73 -2.21 -12.03
N ARG A 51 45.56 -3.25 -11.21
CA ARG A 51 46.27 -4.50 -11.46
C ARG A 51 45.83 -5.12 -12.78
N ARG A 52 44.53 -5.18 -13.03
CA ARG A 52 44.05 -5.82 -14.25
C ARG A 52 44.40 -4.99 -15.49
N LYS A 53 44.41 -3.67 -15.36
CA LYS A 53 44.87 -2.82 -16.46
C LYS A 53 46.33 -3.11 -16.80
N GLN A 54 47.19 -3.19 -15.76
CA GLN A 54 48.59 -3.54 -15.99
C GLN A 54 48.75 -4.94 -16.57
N GLU A 55 47.85 -5.86 -16.22
CA GLU A 55 47.90 -7.20 -16.81
C GLU A 55 47.62 -7.14 -18.31
N ALA A 56 46.70 -6.27 -18.72
CA ALA A 56 46.39 -6.12 -20.14
C ALA A 56 47.52 -5.42 -20.88
N VAL A 57 48.19 -4.45 -20.22
CA VAL A 57 49.32 -3.76 -20.82
C VAL A 57 50.49 -4.72 -21.03
N MET A 58 50.84 -5.49 -19.98
CA MET A 58 51.87 -6.52 -20.04
C MET A 58 51.52 -7.67 -20.98
N GLY A 59 50.28 -7.76 -21.46
CA GLY A 59 49.89 -8.88 -22.29
C GLY A 59 49.59 -10.16 -21.54
N LYS A 60 49.61 -10.13 -20.21
CA LYS A 60 49.15 -11.27 -19.41
C LYS A 60 47.69 -11.60 -19.73
N THR A 61 46.77 -10.68 -19.46
CA THR A 61 45.34 -10.87 -19.72
C THR A 61 44.82 -9.71 -20.57
N LEU A 62 44.58 -9.95 -21.85
CA LEU A 62 44.16 -8.87 -22.74
C LEU A 62 42.74 -8.42 -22.48
N SER A 63 41.82 -9.36 -22.25
CA SER A 63 40.41 -9.01 -22.13
C SER A 63 39.76 -9.77 -20.97
N LEU A 64 38.61 -9.25 -20.54
CA LEU A 64 37.82 -9.85 -19.46
C LEU A 64 36.41 -10.09 -19.96
N TYR A 65 35.81 -11.19 -19.53
CA TYR A 65 34.42 -11.49 -19.87
C TYR A 65 33.54 -11.27 -18.64
N SER A 66 32.38 -10.67 -18.87
CA SER A 66 31.35 -10.63 -17.84
C SER A 66 30.73 -12.01 -17.63
N GLN A 67 29.98 -12.14 -16.55
CA GLN A 67 29.12 -13.31 -16.40
C GLN A 67 27.96 -13.21 -17.40
N PRO A 68 27.38 -14.34 -17.79
CA PRO A 68 26.25 -14.30 -18.74
C PRO A 68 25.05 -13.58 -18.17
N PHE A 69 24.24 -13.02 -19.05
CA PHE A 69 22.94 -12.50 -18.67
C PHE A 69 21.98 -12.84 -19.79
N TYR A 70 20.68 -12.69 -19.51
CA TYR A 70 19.64 -13.24 -20.36
C TYR A 70 18.55 -12.23 -20.64
N THR A 71 17.82 -12.46 -21.75
CA THR A 71 16.65 -11.65 -22.03
C THR A 71 15.41 -12.15 -21.31
N GLY A 72 15.38 -13.44 -20.96
CA GLY A 72 14.29 -14.00 -20.19
C GLY A 72 14.79 -15.27 -19.54
N TYR A 73 13.90 -15.92 -18.78
CA TYR A 73 14.24 -17.20 -18.14
C TYR A 73 14.66 -18.26 -19.17
N PHE A 74 14.10 -18.23 -20.39
CA PHE A 74 14.54 -19.16 -21.43
C PHE A 74 14.86 -18.39 -22.72
N GLY A 75 15.56 -17.26 -22.61
CA GLY A 75 15.86 -16.42 -23.75
C GLY A 75 17.31 -16.50 -24.19
N TYR A 76 17.72 -15.49 -24.95
CA TYR A 76 19.10 -15.38 -25.40
C TYR A 76 20.07 -15.34 -24.24
N LYS A 77 21.18 -16.04 -24.39
CA LYS A 77 22.30 -15.94 -23.47
C LYS A 77 23.34 -14.98 -24.06
N MET A 78 23.87 -14.08 -23.23
CA MET A 78 24.73 -13.00 -23.71
C MET A 78 25.77 -12.66 -22.64
N CYS A 79 26.83 -11.96 -23.05
CA CYS A 79 27.79 -11.43 -22.10
C CYS A 79 28.47 -10.20 -22.68
N ALA A 80 29.38 -9.61 -21.89
CA ALA A 80 30.16 -8.45 -22.29
C ALA A 80 31.64 -8.81 -22.29
N ARG A 81 32.39 -8.14 -23.18
CA ARG A 81 33.84 -8.24 -23.21
C ARG A 81 34.46 -6.85 -23.11
N VAL A 82 35.46 -6.72 -22.24
CA VAL A 82 36.15 -5.46 -22.04
C VAL A 82 37.63 -5.68 -22.32
N TYR A 83 38.26 -4.70 -22.97
CA TYR A 83 39.72 -4.62 -23.07
C TYR A 83 40.13 -3.36 -22.34
N LEU A 84 40.75 -3.55 -21.16
CA LEU A 84 41.16 -2.42 -20.35
C LEU A 84 42.23 -1.58 -21.06
N ASN A 85 43.12 -2.22 -21.82
CA ASN A 85 44.10 -1.47 -22.57
C ASN A 85 43.68 -1.25 -24.00
N GLY A 86 42.44 -1.58 -24.34
CA GLY A 86 41.93 -1.33 -25.66
C GLY A 86 42.31 -2.40 -26.66
N ASP A 87 41.51 -2.46 -27.74
CA ASP A 87 41.63 -3.41 -28.81
C ASP A 87 41.44 -2.66 -30.11
N GLY A 88 42.08 -3.17 -31.18
CA GLY A 88 41.87 -2.62 -32.51
C GLY A 88 42.34 -1.18 -32.60
N MET A 89 41.48 -0.32 -33.16
CA MET A 89 41.83 1.07 -33.35
C MET A 89 41.93 1.85 -32.04
N GLY A 90 41.70 1.21 -30.89
CA GLY A 90 41.81 1.85 -29.60
C GLY A 90 42.86 1.23 -28.71
N LYS A 91 43.63 0.27 -29.23
CA LYS A 91 44.70 -0.33 -28.44
C LYS A 91 45.66 0.73 -27.92
N GLY A 92 45.91 0.70 -26.62
CA GLY A 92 46.87 1.58 -25.99
C GLY A 92 46.31 2.93 -25.57
N THR A 93 45.20 3.36 -26.16
CA THR A 93 44.65 4.69 -25.92
C THR A 93 43.24 4.70 -25.34
N HIS A 94 42.46 3.64 -25.55
CA HIS A 94 41.08 3.58 -25.13
C HIS A 94 40.84 2.35 -24.28
N LEU A 95 39.68 2.34 -23.64
CA LEU A 95 39.06 1.11 -23.16
C LEU A 95 38.04 0.71 -24.23
N SER A 96 38.08 -0.55 -24.65
CA SER A 96 37.15 -1.07 -25.65
C SER A 96 36.12 -1.98 -24.97
N LEU A 97 34.89 -1.92 -25.46
CA LEU A 97 33.79 -2.64 -24.81
C LEU A 97 32.89 -3.27 -25.84
N PHE A 98 32.65 -4.59 -25.71
CA PHE A 98 31.93 -5.35 -26.72
C PHE A 98 30.83 -6.23 -26.12
N PHE A 99 29.81 -6.44 -26.94
CA PHE A 99 28.66 -7.31 -26.70
C PHE A 99 28.89 -8.66 -27.37
N VAL A 100 28.50 -9.76 -26.70
CA VAL A 100 28.75 -11.12 -27.17
C VAL A 100 27.47 -11.95 -27.06
N ILE A 101 27.03 -12.50 -28.18
CA ILE A 101 25.98 -13.51 -28.17
C ILE A 101 26.60 -14.87 -27.88
N MET A 102 26.07 -15.55 -26.87
CA MET A 102 26.56 -16.88 -26.53
C MET A 102 25.59 -17.95 -27.01
N ARG A 103 26.08 -19.19 -27.10
CA ARG A 103 25.18 -20.29 -27.42
C ARG A 103 24.25 -20.51 -26.23
N GLY A 104 22.95 -20.41 -26.47
CA GLY A 104 21.95 -20.62 -25.46
C GLY A 104 21.28 -21.98 -25.61
N GLU A 105 20.82 -22.52 -24.48
CA GLU A 105 20.16 -23.81 -24.49
C GLU A 105 18.87 -23.80 -25.29
N TYR A 106 18.25 -22.63 -25.47
CA TYR A 106 16.93 -22.51 -26.10
C TYR A 106 17.00 -21.82 -27.44
N ASP A 107 18.18 -21.79 -28.06
CA ASP A 107 18.39 -21.14 -29.34
C ASP A 107 17.42 -21.60 -30.42
N ALA A 108 17.09 -22.91 -30.45
CA ALA A 108 16.16 -23.44 -31.44
C ALA A 108 14.77 -22.79 -31.40
N LEU A 109 14.45 -22.03 -30.35
CA LEU A 109 13.16 -21.38 -30.19
C LEU A 109 13.20 -19.88 -30.46
N LEU A 110 14.38 -19.31 -30.70
CA LEU A 110 14.52 -17.87 -30.70
C LEU A 110 14.76 -17.32 -32.10
N PRO A 111 14.28 -16.10 -32.37
CA PRO A 111 14.53 -15.49 -33.69
C PRO A 111 16.02 -15.30 -33.95
N TRP A 112 16.45 -15.66 -35.15
CA TRP A 112 17.76 -15.32 -35.64
C TRP A 112 17.64 -14.69 -37.03
N PRO A 113 18.50 -13.70 -37.34
CA PRO A 113 19.50 -13.06 -36.48
C PRO A 113 18.95 -12.26 -35.28
N PHE A 114 19.81 -12.06 -34.30
CA PHE A 114 19.48 -11.25 -33.13
C PHE A 114 19.32 -9.79 -33.56
N LYS A 115 18.16 -9.20 -33.26
CA LYS A 115 17.87 -7.87 -33.75
C LYS A 115 17.47 -6.87 -32.66
N GLN A 116 17.84 -7.13 -31.39
CA GLN A 116 17.44 -6.28 -30.28
C GLN A 116 18.42 -5.12 -30.07
N LYS A 117 17.87 -3.94 -29.79
CA LYS A 117 18.71 -2.79 -29.47
C LYS A 117 19.55 -3.04 -28.22
N VAL A 118 20.81 -2.63 -28.29
CA VAL A 118 21.81 -2.85 -27.25
C VAL A 118 22.43 -1.51 -26.87
N THR A 119 22.49 -1.22 -25.58
CA THR A 119 23.16 -0.04 -25.05
C THR A 119 24.32 -0.47 -24.17
N LEU A 120 25.51 0.04 -24.49
CA LEU A 120 26.73 -0.20 -23.72
C LEU A 120 27.04 1.03 -22.88
N MET A 121 27.29 0.83 -21.60
CA MET A 121 27.51 1.97 -20.71
C MET A 121 28.65 1.66 -19.75
N LEU A 122 29.36 2.71 -19.38
CA LEU A 122 30.24 2.68 -18.24
C LEU A 122 29.73 3.67 -17.20
N MET A 123 29.50 3.21 -15.99
CA MET A 123 28.77 4.01 -15.01
C MET A 123 29.63 5.07 -14.36
N ASP A 124 29.01 6.21 -14.10
CA ASP A 124 29.57 7.27 -13.28
C ASP A 124 29.27 6.98 -11.81
N GLN A 125 30.32 6.79 -11.01
CA GLN A 125 30.17 6.62 -9.58
C GLN A 125 30.20 7.94 -8.80
N GLY A 126 30.30 9.08 -9.50
CA GLY A 126 30.24 10.37 -8.84
C GLY A 126 28.84 10.98 -8.87
N SER A 127 28.66 12.05 -8.09
CA SER A 127 27.33 12.57 -7.81
C SER A 127 26.59 12.98 -9.07
N SER A 128 27.33 13.34 -10.13
CA SER A 128 26.68 13.76 -11.37
C SER A 128 25.85 12.64 -12.01
N ARG A 129 26.25 11.38 -11.80
CA ARG A 129 25.67 10.24 -12.52
C ARG A 129 25.71 10.46 -14.04
N ARG A 130 26.87 10.94 -14.52
CA ARG A 130 27.08 11.20 -15.94
C ARG A 130 27.66 9.93 -16.59
N HIS A 131 26.78 9.00 -16.91
CA HIS A 131 27.20 7.73 -17.47
C HIS A 131 27.54 7.89 -18.95
N LEU A 132 28.67 7.31 -19.36
CA LEU A 132 28.97 7.20 -20.78
C LEU A 132 28.15 6.07 -21.40
N GLY A 133 27.62 6.33 -22.58
CA GLY A 133 26.67 5.40 -23.17
C GLY A 133 26.77 5.41 -24.68
N ASP A 134 26.30 4.31 -25.27
CA ASP A 134 26.27 4.15 -26.72
C ASP A 134 25.34 3.01 -27.09
N ALA A 135 24.29 3.31 -27.83
CA ALA A 135 23.32 2.32 -28.25
C ALA A 135 23.53 1.98 -29.72
N PHE A 136 23.06 0.80 -30.12
CA PHE A 136 23.18 0.44 -31.52
C PHE A 136 22.18 -0.65 -31.88
N LYS A 137 21.78 -0.67 -33.15
CA LYS A 137 20.88 -1.67 -33.67
C LYS A 137 21.70 -2.72 -34.39
N PRO A 138 21.76 -3.96 -33.90
CA PRO A 138 22.55 -5.00 -34.57
C PRO A 138 22.25 -5.07 -36.06
N ASP A 139 23.32 -5.03 -36.85
CA ASP A 139 23.30 -5.17 -38.30
C ASP A 139 22.95 -6.61 -38.68
N PRO A 140 21.76 -6.87 -39.26
CA PRO A 140 21.31 -8.26 -39.44
C PRO A 140 22.28 -9.14 -40.24
N ASN A 141 23.27 -8.56 -40.91
CA ASN A 141 24.18 -9.36 -41.73
C ASN A 141 25.48 -9.72 -41.03
N SER A 142 25.75 -9.19 -39.84
CA SER A 142 27.01 -9.50 -39.16
C SER A 142 26.97 -10.90 -38.55
N SER A 143 28.06 -11.64 -38.73
CA SER A 143 28.16 -12.98 -38.13
C SER A 143 28.09 -12.94 -36.60
N SER A 144 28.20 -11.75 -35.99
CA SER A 144 28.05 -11.58 -34.55
C SER A 144 26.65 -11.89 -34.06
N PHE A 145 25.67 -11.92 -34.96
CA PHE A 145 24.26 -12.08 -34.60
C PHE A 145 23.63 -13.29 -35.25
N LYS A 146 24.42 -14.18 -35.84
CA LYS A 146 23.93 -15.43 -36.39
C LYS A 146 23.54 -16.37 -35.24
N LYS A 147 22.75 -17.39 -35.56
CA LYS A 147 22.51 -18.44 -34.59
C LYS A 147 23.86 -19.01 -34.19
N PRO A 148 24.25 -18.95 -32.92
CA PRO A 148 25.58 -19.42 -32.53
C PRO A 148 25.85 -20.86 -32.97
N THR A 149 27.04 -21.08 -33.52
CA THR A 149 27.52 -22.43 -33.80
C THR A 149 28.54 -22.90 -32.77
N GLY A 150 29.43 -22.02 -32.34
CA GLY A 150 30.31 -22.29 -31.22
C GLY A 150 29.80 -21.66 -29.93
N GLU A 151 30.59 -21.81 -28.88
CA GLU A 151 30.22 -21.28 -27.57
C GLU A 151 29.93 -19.78 -27.63
N MET A 152 30.74 -19.01 -28.37
CA MET A 152 30.55 -17.58 -28.49
C MET A 152 30.70 -17.12 -29.94
N ASN A 153 29.79 -16.25 -30.36
CA ASN A 153 29.96 -15.52 -31.61
C ASN A 153 31.09 -14.48 -31.49
N ILE A 154 31.52 -13.98 -32.65
CA ILE A 154 32.47 -12.87 -32.69
C ILE A 154 31.85 -11.69 -31.95
N ALA A 155 32.60 -11.08 -31.03
CA ALA A 155 32.07 -9.94 -30.28
C ALA A 155 31.92 -8.72 -31.18
N SER A 156 30.98 -7.86 -30.82
CA SER A 156 30.75 -6.65 -31.59
C SER A 156 30.47 -5.48 -30.66
N GLY A 157 31.00 -4.30 -30.98
CA GLY A 157 30.77 -3.17 -30.13
C GLY A 157 31.45 -1.85 -30.47
N CYS A 158 32.30 -1.39 -29.56
CA CYS A 158 32.91 -0.07 -29.63
C CYS A 158 34.39 -0.16 -29.27
N PRO A 159 35.28 -0.18 -30.26
CA PRO A 159 36.71 -0.18 -29.94
C PRO A 159 37.18 1.11 -29.29
N VAL A 160 36.55 2.24 -29.61
CA VAL A 160 37.01 3.50 -29.04
C VAL A 160 35.93 4.02 -28.11
N PHE A 161 35.52 3.20 -27.13
CA PHE A 161 34.38 3.56 -26.29
C PHE A 161 34.67 4.78 -25.44
N VAL A 162 35.78 4.77 -24.70
CA VAL A 162 36.18 5.92 -23.91
C VAL A 162 37.69 5.96 -23.91
N ALA A 163 38.25 7.16 -24.04
CA ALA A 163 39.70 7.31 -23.94
C ALA A 163 40.15 7.09 -22.51
N GLN A 164 41.31 6.44 -22.36
CA GLN A 164 41.79 6.10 -21.02
C GLN A 164 42.02 7.34 -20.18
N THR A 165 42.58 8.40 -20.78
CA THR A 165 42.81 9.62 -20.01
C THR A 165 41.51 10.14 -19.42
N VAL A 166 40.42 10.11 -20.20
CA VAL A 166 39.13 10.56 -19.66
C VAL A 166 38.73 9.68 -18.49
N LEU A 167 38.54 8.40 -18.78
CA LEU A 167 38.21 7.40 -17.78
C LEU A 167 38.96 7.59 -16.47
N GLU A 168 40.27 7.74 -16.52
CA GLU A 168 41.07 7.77 -15.30
C GLU A 168 41.12 9.17 -14.67
N ASN A 169 40.67 10.21 -15.35
CA ASN A 169 40.58 11.53 -14.77
C ASN A 169 39.18 11.87 -14.28
N GLY A 170 38.19 11.05 -14.59
CA GLY A 170 36.82 11.29 -14.18
C GLY A 170 36.48 10.61 -12.87
N THR A 171 35.17 10.58 -12.58
CA THR A 171 34.64 9.89 -11.40
C THR A 171 34.15 8.49 -11.73
N TYR A 172 34.72 7.86 -12.77
CA TYR A 172 34.28 6.52 -13.16
C TYR A 172 34.93 5.42 -12.32
N ILE A 173 36.12 5.65 -11.84
CA ILE A 173 36.82 4.73 -10.97
C ILE A 173 36.62 5.16 -9.54
N LYS A 174 36.47 4.19 -8.64
CA LYS A 174 36.27 4.44 -7.22
C LYS A 174 36.52 3.13 -6.47
N ASP A 175 37.30 3.22 -5.39
CA ASP A 175 37.90 2.06 -4.72
C ASP A 175 38.39 1.04 -5.73
N ASP A 176 39.14 1.52 -6.73
CA ASP A 176 39.78 0.65 -7.72
C ASP A 176 38.79 -0.29 -8.41
N THR A 177 37.59 0.22 -8.69
CA THR A 177 36.48 -0.56 -9.20
C THR A 177 35.75 0.25 -10.25
N ILE A 178 35.37 -0.38 -11.36
CA ILE A 178 34.48 0.26 -12.31
C ILE A 178 33.28 -0.63 -12.50
N PHE A 179 32.25 -0.06 -13.10
CA PHE A 179 30.99 -0.74 -13.34
C PHE A 179 30.59 -0.54 -14.78
N ILE A 180 30.25 -1.64 -15.45
CA ILE A 180 29.78 -1.64 -16.82
C ILE A 180 28.33 -2.12 -16.83
N LYS A 181 27.51 -1.47 -17.64
CA LYS A 181 26.10 -1.80 -17.79
C LYS A 181 25.79 -2.05 -19.25
N VAL A 182 25.07 -3.14 -19.52
CA VAL A 182 24.55 -3.43 -20.86
C VAL A 182 23.04 -3.54 -20.74
N ILE A 183 22.32 -2.86 -21.62
CA ILE A 183 20.87 -2.98 -21.66
C ILE A 183 20.50 -3.47 -23.06
N VAL A 184 19.91 -4.67 -23.12
CA VAL A 184 19.29 -5.19 -24.32
C VAL A 184 17.79 -4.91 -24.21
N ASP A 185 17.20 -4.36 -25.27
CA ASP A 185 15.78 -4.05 -25.23
C ASP A 185 14.98 -5.32 -25.46
N THR A 186 14.07 -5.61 -24.53
CA THR A 186 13.29 -6.84 -24.56
C THR A 186 11.80 -6.60 -24.81
N SER A 187 11.44 -5.46 -25.42
CA SER A 187 10.04 -5.09 -25.52
C SER A 187 9.32 -5.75 -26.70
N ASP A 188 10.03 -6.19 -27.72
CA ASP A 188 9.41 -6.75 -28.93
C ASP A 188 9.62 -8.26 -29.04
N LEU A 189 9.42 -9.00 -27.94
CA LEU A 189 9.74 -10.43 -27.91
C LEU A 189 8.68 -11.20 -27.10
N PRO A 190 8.69 -12.54 -27.12
CA PRO A 190 7.83 -13.30 -26.20
C PRO A 190 8.07 -12.93 -24.74
N ASP A 191 6.98 -12.64 -24.02
CA ASP A 191 7.05 -12.26 -22.61
C ASP A 191 6.43 -13.34 -21.71
N THR B 2 56.46 -46.45 7.83
CA THR B 2 55.33 -46.43 8.76
C THR B 2 55.08 -44.99 9.30
N GLY B 3 56.15 -44.28 9.70
CA GLY B 3 56.03 -42.85 9.92
C GLY B 3 55.55 -42.11 8.68
N LEU B 4 56.04 -42.52 7.50
CA LEU B 4 55.59 -41.92 6.25
C LEU B 4 54.11 -42.22 5.98
N LEU B 5 53.66 -43.46 6.29
CA LEU B 5 52.26 -43.78 6.05
C LEU B 5 51.35 -42.96 6.98
N GLU B 6 51.72 -42.86 8.26
CA GLU B 6 50.94 -42.03 9.18
C GLU B 6 50.88 -40.56 8.73
N SER B 7 52.00 -40.01 8.22
CA SER B 7 51.99 -38.63 7.70
C SER B 7 50.95 -38.44 6.60
N GLN B 8 50.91 -39.36 5.63
CA GLN B 8 49.98 -39.20 4.54
C GLN B 8 48.53 -39.39 4.99
N LEU B 9 48.27 -40.37 5.87
CA LEU B 9 46.92 -40.50 6.45
C LEU B 9 46.50 -39.22 7.17
N SER B 10 47.43 -38.60 7.91
CA SER B 10 47.11 -37.37 8.62
C SER B 10 46.76 -36.24 7.63
N ARG B 11 47.57 -36.07 6.60
CA ARG B 11 47.25 -35.10 5.54
C ARG B 11 45.88 -35.36 4.94
N HIS B 12 45.60 -36.62 4.57
CA HIS B 12 44.31 -36.96 3.97
C HIS B 12 43.15 -36.65 4.92
N ASP B 13 43.31 -37.00 6.20
CA ASP B 13 42.28 -36.70 7.20
C ASP B 13 42.03 -35.20 7.29
N GLN B 14 43.12 -34.42 7.35
CA GLN B 14 43.00 -32.98 7.39
C GLN B 14 42.21 -32.47 6.19
N MET B 15 42.55 -32.94 4.99
CA MET B 15 41.93 -32.38 3.80
C MET B 15 40.51 -32.92 3.62
N LEU B 16 40.23 -34.14 4.11
CA LEU B 16 38.85 -34.60 4.18
C LEU B 16 38.02 -33.72 5.12
N SER B 17 38.61 -33.28 6.23
CA SER B 17 37.89 -32.37 7.13
C SER B 17 37.60 -31.03 6.45
N VAL B 18 38.57 -30.47 5.71
CA VAL B 18 38.33 -29.23 4.98
C VAL B 18 37.24 -29.41 3.91
N HIS B 19 37.21 -30.57 3.24
CA HIS B 19 36.14 -30.79 2.26
C HIS B 19 34.78 -30.92 2.94
N ASP B 20 34.73 -31.54 4.12
CA ASP B 20 33.45 -31.70 4.82
C ASP B 20 32.84 -30.36 5.21
N ILE B 21 33.69 -29.39 5.56
CA ILE B 21 33.24 -28.04 5.86
C ILE B 21 32.74 -27.34 4.59
N ARG B 22 33.55 -27.35 3.54
CA ARG B 22 33.17 -26.67 2.31
C ARG B 22 31.83 -27.20 1.77
N LEU B 23 31.60 -28.51 1.87
CA LEU B 23 30.34 -29.09 1.42
C LEU B 23 29.17 -28.60 2.29
N ALA B 24 29.34 -28.64 3.62
CA ALA B 24 28.37 -28.04 4.52
C ALA B 24 28.10 -26.57 4.16
N ASP B 25 29.16 -25.82 3.86
CA ASP B 25 28.99 -24.43 3.47
C ASP B 25 28.17 -24.29 2.18
N MET B 26 28.45 -25.13 1.18
CA MET B 26 27.70 -25.02 -0.08
C MET B 26 26.24 -25.38 0.08
N ASP B 27 25.93 -26.37 0.94
CA ASP B 27 24.53 -26.66 1.26
C ASP B 27 23.82 -25.42 1.76
N LEU B 28 24.48 -24.63 2.61
CA LEU B 28 23.88 -23.38 3.08
C LEU B 28 23.75 -22.38 1.93
N ARG B 29 24.79 -22.25 1.11
CA ARG B 29 24.75 -21.33 -0.02
C ARG B 29 23.63 -21.67 -0.98
N PHE B 30 23.38 -22.97 -1.23
CA PHE B 30 22.25 -23.39 -2.06
C PHE B 30 20.93 -22.91 -1.49
N GLN B 31 20.72 -23.12 -0.19
CA GLN B 31 19.47 -22.75 0.46
C GLN B 31 19.23 -21.24 0.39
N VAL B 32 20.28 -20.44 0.58
CA VAL B 32 20.20 -18.99 0.37
C VAL B 32 19.77 -18.65 -1.06
N LEU B 33 20.39 -19.28 -2.05
CA LEU B 33 20.03 -19.02 -3.45
C LEU B 33 18.62 -19.52 -3.76
N GLU B 34 18.26 -20.69 -3.21
CA GLU B 34 16.98 -21.31 -3.53
C GLU B 34 15.79 -20.50 -3.01
N THR B 35 16.00 -19.67 -1.97
CA THR B 35 14.97 -18.81 -1.42
C THR B 35 15.20 -17.32 -1.71
N ALA B 36 16.06 -16.99 -2.66
CA ALA B 36 16.31 -15.57 -2.94
C ALA B 36 15.17 -14.97 -3.76
N SER B 37 15.05 -13.65 -3.67
CA SER B 37 13.96 -12.91 -4.29
C SER B 37 14.48 -11.54 -4.73
N TYR B 38 13.97 -11.03 -5.86
CA TYR B 38 14.55 -9.87 -6.51
C TYR B 38 13.49 -8.83 -6.88
N ASN B 39 12.30 -8.90 -6.31
CA ASN B 39 11.21 -7.96 -6.58
C ASN B 39 10.84 -7.12 -5.35
N GLY B 40 11.69 -7.11 -4.31
CA GLY B 40 11.41 -6.32 -3.12
C GLY B 40 10.48 -6.96 -2.12
N VAL B 41 10.01 -8.19 -2.35
CA VAL B 41 9.09 -8.88 -1.46
C VAL B 41 9.79 -10.10 -0.87
N LEU B 42 9.84 -10.18 0.45
CA LEU B 42 10.40 -11.33 1.16
C LEU B 42 9.27 -12.09 1.88
N ILE B 43 9.18 -13.41 1.66
CA ILE B 43 8.43 -14.30 2.54
C ILE B 43 9.45 -15.13 3.31
N TRP B 44 9.27 -15.21 4.64
CA TRP B 44 10.25 -15.85 5.52
C TRP B 44 9.51 -16.91 6.32
N LYS B 45 9.83 -18.17 6.08
CA LYS B 45 9.19 -19.28 6.76
C LYS B 45 10.06 -19.70 7.94
N ILE B 46 9.48 -19.69 9.14
CA ILE B 46 10.21 -20.02 10.37
C ILE B 46 9.55 -21.25 10.99
N ARG B 47 10.25 -22.38 10.91
CA ARG B 47 9.78 -23.65 11.46
C ARG B 47 10.28 -23.83 12.88
N ASP B 48 9.61 -24.75 13.60
CA ASP B 48 9.98 -25.13 14.97
C ASP B 48 9.79 -23.95 15.94
N TYR B 49 8.62 -23.32 15.86
CA TYR B 49 8.42 -22.07 16.60
C TYR B 49 8.60 -22.27 18.09
N LYS B 50 7.94 -23.30 18.64
CA LYS B 50 7.94 -23.55 20.08
C LYS B 50 9.35 -23.77 20.60
N ARG B 51 10.12 -24.63 19.92
CA ARG B 51 11.50 -24.88 20.35
C ARG B 51 12.35 -23.62 20.21
N ARG B 52 12.07 -22.81 19.19
CA ARG B 52 12.89 -21.62 18.94
C ARG B 52 12.51 -20.47 19.86
N LYS B 53 11.22 -20.32 20.15
CA LYS B 53 10.80 -19.36 21.16
C LYS B 53 11.47 -19.67 22.50
N GLN B 54 11.52 -20.95 22.86
CA GLN B 54 12.16 -21.35 24.10
C GLN B 54 13.65 -21.04 24.08
N GLU B 55 14.29 -21.19 22.94
CA GLU B 55 15.71 -20.87 22.86
C GLU B 55 15.95 -19.38 23.13
N ALA B 56 14.95 -18.54 22.86
CA ALA B 56 15.12 -17.11 23.09
C ALA B 56 14.84 -16.76 24.57
N VAL B 57 13.81 -17.38 25.15
CA VAL B 57 13.53 -17.22 26.57
C VAL B 57 14.77 -17.56 27.39
N MET B 58 15.51 -18.59 26.98
CA MET B 58 16.72 -19.03 27.67
C MET B 58 17.95 -18.23 27.28
N GLY B 59 17.86 -17.33 26.33
CA GLY B 59 19.05 -16.65 25.85
C GLY B 59 20.06 -17.52 25.13
N LYS B 60 19.67 -18.68 24.59
CA LYS B 60 20.55 -19.41 23.67
C LYS B 60 20.69 -18.65 22.36
N THR B 61 19.56 -18.46 21.66
CA THR B 61 19.50 -17.67 20.44
C THR B 61 18.47 -16.57 20.66
N LEU B 62 18.94 -15.34 20.86
CA LEU B 62 18.01 -14.23 21.04
C LEU B 62 17.23 -13.94 19.76
N SER B 63 17.91 -13.82 18.61
CA SER B 63 17.25 -13.39 17.38
C SER B 63 17.59 -14.34 16.23
N LEU B 64 16.75 -14.30 15.20
CA LEU B 64 16.94 -15.06 13.97
C LEU B 64 16.98 -14.07 12.81
N TYR B 65 17.82 -14.35 11.80
CA TYR B 65 17.85 -13.55 10.58
C TYR B 65 17.19 -14.29 9.42
N SER B 66 16.51 -13.54 8.57
CA SER B 66 16.05 -14.12 7.32
C SER B 66 17.21 -14.25 6.33
N GLN B 67 16.96 -14.98 5.24
CA GLN B 67 17.87 -14.92 4.09
C GLN B 67 17.78 -13.54 3.44
N PRO B 68 18.81 -13.12 2.70
CA PRO B 68 18.73 -11.81 2.02
C PRO B 68 17.63 -11.78 0.95
N PHE B 69 17.12 -10.58 0.70
CA PHE B 69 16.31 -10.31 -0.48
C PHE B 69 16.69 -8.96 -1.06
N TYR B 70 16.15 -8.65 -2.23
CA TYR B 70 16.67 -7.57 -3.05
C TYR B 70 15.53 -6.80 -3.67
N THR B 71 15.82 -5.54 -4.05
CA THR B 71 14.85 -4.75 -4.82
C THR B 71 14.98 -4.98 -6.34
N GLY B 72 16.15 -5.36 -6.81
CA GLY B 72 16.29 -5.80 -8.19
C GLY B 72 17.48 -6.73 -8.27
N TYR B 73 17.74 -7.25 -9.48
CA TYR B 73 18.92 -8.09 -9.67
C TYR B 73 20.22 -7.40 -9.23
N PHE B 74 20.30 -6.08 -9.34
CA PHE B 74 21.51 -5.38 -8.88
C PHE B 74 21.14 -4.22 -7.96
N GLY B 75 20.20 -4.46 -7.04
CA GLY B 75 19.68 -3.42 -6.17
C GLY B 75 20.11 -3.59 -4.72
N TYR B 76 19.35 -2.93 -3.84
CA TYR B 76 19.62 -3.01 -2.40
C TYR B 76 19.55 -4.45 -1.93
N LYS B 77 20.43 -4.81 -1.00
CA LYS B 77 20.40 -6.10 -0.34
C LYS B 77 19.92 -5.91 1.10
N MET B 78 18.88 -6.67 1.47
CA MET B 78 18.14 -6.44 2.69
C MET B 78 17.85 -7.77 3.37
N CYS B 79 17.44 -7.70 4.63
CA CYS B 79 16.93 -8.86 5.32
C CYS B 79 16.15 -8.42 6.57
N ALA B 80 15.56 -9.40 7.24
CA ALA B 80 14.71 -9.18 8.40
C ALA B 80 15.32 -9.86 9.62
N ARG B 81 15.04 -9.30 10.78
CA ARG B 81 15.50 -9.84 12.05
C ARG B 81 14.32 -9.94 12.99
N VAL B 82 14.12 -11.12 13.58
CA VAL B 82 12.99 -11.38 14.48
C VAL B 82 13.55 -11.73 15.86
N TYR B 83 12.84 -11.26 16.90
CA TYR B 83 13.04 -11.72 18.27
C TYR B 83 11.74 -12.38 18.70
N LEU B 84 11.75 -13.71 18.82
CA LEU B 84 10.53 -14.40 19.19
C LEU B 84 10.15 -14.11 20.63
N ASN B 85 11.11 -13.73 21.47
CA ASN B 85 10.83 -13.34 22.85
C ASN B 85 11.03 -11.85 23.06
N GLY B 86 11.08 -11.08 21.98
CA GLY B 86 11.05 -9.63 22.10
C GLY B 86 12.37 -9.00 22.47
N ASP B 87 12.49 -7.74 22.07
CA ASP B 87 13.64 -6.91 22.33
C ASP B 87 13.16 -5.54 22.82
N GLY B 88 14.07 -4.82 23.49
CA GLY B 88 13.75 -3.46 23.95
C GLY B 88 12.49 -3.41 24.80
N MET B 89 11.61 -2.50 24.46
CA MET B 89 10.38 -2.41 25.23
C MET B 89 9.42 -3.52 24.98
N GLY B 90 9.75 -4.57 24.22
CA GLY B 90 8.89 -5.72 24.04
C GLY B 90 9.44 -7.00 24.63
N LYS B 91 10.63 -6.93 25.22
CA LYS B 91 11.28 -8.13 25.76
C LYS B 91 10.36 -8.88 26.72
N GLY B 92 10.19 -10.18 26.49
CA GLY B 92 9.40 -11.02 27.36
C GLY B 92 7.91 -10.90 27.19
N THR B 93 7.42 -9.85 26.52
CA THR B 93 6.00 -9.66 26.27
C THR B 93 5.61 -9.65 24.80
N HIS B 94 6.54 -9.35 23.88
CA HIS B 94 6.17 -9.17 22.49
C HIS B 94 7.06 -10.00 21.57
N LEU B 95 6.61 -10.11 20.33
CA LEU B 95 7.46 -10.52 19.22
C LEU B 95 7.92 -9.23 18.55
N SER B 96 9.23 -9.04 18.42
CA SER B 96 9.80 -7.85 17.79
C SER B 96 10.28 -8.20 16.37
N LEU B 97 9.97 -7.32 15.42
CA LEU B 97 10.27 -7.54 14.00
C LEU B 97 11.03 -6.35 13.44
N PHE B 98 12.22 -6.60 12.87
CA PHE B 98 13.10 -5.52 12.43
C PHE B 98 13.54 -5.68 10.98
N PHE B 99 13.84 -4.55 10.35
CA PHE B 99 14.33 -4.47 9.00
C PHE B 99 15.81 -4.12 9.00
N VAL B 100 16.59 -4.76 8.13
CA VAL B 100 18.04 -4.58 8.07
C VAL B 100 18.46 -4.25 6.64
N ILE B 101 19.29 -3.23 6.49
CA ILE B 101 20.03 -3.01 5.26
C ILE B 101 21.37 -3.72 5.37
N MET B 102 21.72 -4.52 4.36
CA MET B 102 23.01 -5.17 4.31
C MET B 102 23.90 -4.49 3.27
N ARG B 103 25.21 -4.65 3.44
CA ARG B 103 26.14 -4.20 2.41
C ARG B 103 25.94 -5.04 1.16
N GLY B 104 25.66 -4.37 0.04
CA GLY B 104 25.41 -5.04 -1.21
C GLY B 104 26.50 -4.74 -2.22
N GLU B 105 26.67 -5.64 -3.20
CA GLU B 105 27.76 -5.51 -4.14
C GLU B 105 27.66 -4.23 -4.97
N TYR B 106 26.47 -3.72 -5.22
CA TYR B 106 26.29 -2.58 -6.09
C TYR B 106 25.92 -1.30 -5.35
N ASP B 107 26.41 -1.15 -4.10
CA ASP B 107 26.07 0.01 -3.28
C ASP B 107 26.55 1.32 -3.90
N ALA B 108 27.75 1.32 -4.52
CA ALA B 108 28.24 2.53 -5.17
C ALA B 108 27.29 3.08 -6.24
N LEU B 109 26.29 2.32 -6.67
CA LEU B 109 25.38 2.74 -7.72
C LEU B 109 24.00 3.15 -7.22
N LEU B 110 23.71 2.97 -5.93
CA LEU B 110 22.36 3.17 -5.43
C LEU B 110 22.22 4.48 -4.64
N PRO B 111 21.01 5.04 -4.58
CA PRO B 111 20.77 6.22 -3.73
C PRO B 111 21.01 5.92 -2.26
N TRP B 112 21.70 6.84 -1.57
CA TRP B 112 21.83 6.78 -0.12
C TRP B 112 21.56 8.17 0.46
N PRO B 113 20.86 8.25 1.61
CA PRO B 113 20.29 7.16 2.40
C PRO B 113 19.15 6.38 1.75
N PHE B 114 18.91 5.18 2.27
CA PHE B 114 17.78 4.36 1.82
C PHE B 114 16.48 5.02 2.20
N LYS B 115 15.53 5.05 1.28
CA LYS B 115 14.30 5.81 1.50
C LYS B 115 13.03 5.13 1.02
N GLN B 116 13.08 3.86 0.59
CA GLN B 116 11.87 3.17 0.14
C GLN B 116 10.94 2.84 1.32
N LYS B 117 9.64 2.89 1.05
CA LYS B 117 8.65 2.48 2.04
C LYS B 117 8.79 0.99 2.37
N VAL B 118 8.67 0.66 3.65
CA VAL B 118 8.89 -0.69 4.15
C VAL B 118 7.66 -1.15 4.93
N THR B 119 7.16 -2.33 4.60
CA THR B 119 6.02 -2.91 5.30
C THR B 119 6.42 -4.23 5.93
N LEU B 120 6.28 -4.32 7.25
CA LEU B 120 6.49 -5.56 7.99
C LEU B 120 5.14 -6.23 8.25
N MET B 121 5.10 -7.56 8.11
CA MET B 121 3.86 -8.31 8.28
C MET B 121 4.13 -9.68 8.90
N LEU B 122 3.17 -10.14 9.70
CA LEU B 122 3.11 -11.52 10.13
C LEU B 122 1.87 -12.16 9.51
N MET B 123 2.07 -13.19 8.69
CA MET B 123 0.94 -13.75 7.94
C MET B 123 0.00 -14.53 8.84
N ASP B 124 -1.30 -14.41 8.56
CA ASP B 124 -2.35 -15.19 9.23
C ASP B 124 -2.63 -16.43 8.40
N GLN B 125 -2.21 -17.60 8.89
CA GLN B 125 -2.46 -18.85 8.19
C GLN B 125 -3.91 -19.36 8.31
N GLY B 126 -4.70 -18.82 9.24
CA GLY B 126 -6.11 -19.16 9.32
C GLY B 126 -6.89 -18.64 8.12
N SER B 127 -8.13 -19.13 7.99
CA SER B 127 -8.91 -18.88 6.77
C SER B 127 -9.36 -17.43 6.64
N SER B 128 -9.23 -16.64 7.71
CA SER B 128 -9.64 -15.24 7.67
C SER B 128 -8.65 -14.37 6.92
N ARG B 129 -7.35 -14.68 7.00
CA ARG B 129 -6.29 -13.94 6.29
C ARG B 129 -6.13 -12.51 6.82
N ARG B 130 -6.30 -12.35 8.13
CA ARG B 130 -6.18 -11.04 8.77
C ARG B 130 -4.71 -10.84 9.17
N HIS B 131 -3.90 -10.55 8.17
CA HIS B 131 -2.48 -10.36 8.39
C HIS B 131 -2.24 -9.12 9.24
N LEU B 132 -1.27 -9.22 10.16
CA LEU B 132 -0.84 -8.07 10.97
C LEU B 132 0.27 -7.34 10.24
N GLY B 133 0.17 -6.03 10.15
CA GLY B 133 1.07 -5.25 9.31
C GLY B 133 1.36 -3.88 9.87
N ASP B 134 2.53 -3.37 9.52
CA ASP B 134 2.93 -2.03 9.94
C ASP B 134 3.93 -1.51 8.93
N ALA B 135 3.66 -0.33 8.39
CA ALA B 135 4.50 0.29 7.37
C ALA B 135 5.24 1.46 7.97
N PHE B 136 6.30 1.90 7.27
CA PHE B 136 6.97 3.11 7.69
C PHE B 136 7.86 3.65 6.56
N LYS B 137 8.04 4.98 6.59
CA LYS B 137 8.99 5.66 5.73
C LYS B 137 10.30 5.82 6.49
N PRO B 138 11.45 5.39 5.95
CA PRO B 138 12.71 5.51 6.69
C PRO B 138 13.03 6.98 6.98
N ASP B 139 13.67 7.20 8.14
CA ASP B 139 14.10 8.53 8.54
C ASP B 139 15.50 8.77 7.98
N PRO B 140 15.69 9.72 7.07
CA PRO B 140 17.00 9.88 6.41
C PRO B 140 18.15 10.17 7.37
N ASN B 141 17.88 10.47 8.65
CA ASN B 141 18.95 10.74 9.61
C ASN B 141 19.35 9.53 10.43
N SER B 142 18.56 8.45 10.42
CA SER B 142 18.95 7.25 11.14
C SER B 142 20.16 6.63 10.49
N SER B 143 21.09 6.14 11.32
CA SER B 143 22.22 5.42 10.75
C SER B 143 21.81 4.06 10.16
N SER B 144 20.56 3.63 10.38
CA SER B 144 20.09 2.39 9.82
C SER B 144 20.01 2.45 8.31
N PHE B 145 19.84 3.64 7.74
CA PHE B 145 19.68 3.78 6.30
C PHE B 145 20.85 4.47 5.63
N LYS B 146 21.98 4.61 6.33
CA LYS B 146 23.20 5.08 5.69
C LYS B 146 23.77 4.00 4.77
N LYS B 147 24.55 4.44 3.78
CA LYS B 147 25.29 3.52 2.95
C LYS B 147 26.13 2.59 3.84
N PRO B 148 25.93 1.28 3.77
CA PRO B 148 26.59 0.38 4.72
C PRO B 148 28.11 0.54 4.71
N THR B 149 28.71 0.39 5.90
CA THR B 149 30.15 0.29 6.05
C THR B 149 30.61 -1.06 6.56
N GLY B 150 29.71 -1.83 7.18
CA GLY B 150 29.99 -3.18 7.65
C GLY B 150 29.00 -4.13 7.00
N GLU B 151 29.01 -5.40 7.38
CA GLU B 151 28.12 -6.35 6.73
C GLU B 151 26.66 -5.88 6.81
N MET B 152 26.22 -5.40 7.98
CA MET B 152 24.85 -4.92 8.16
C MET B 152 24.85 -3.59 8.90
N ASN B 153 23.83 -2.77 8.65
CA ASN B 153 23.52 -1.60 9.44
C ASN B 153 22.78 -1.99 10.72
N ILE B 154 22.53 -1.00 11.58
CA ILE B 154 21.68 -1.21 12.74
C ILE B 154 20.28 -1.57 12.25
N ALA B 155 19.66 -2.56 12.90
CA ALA B 155 18.29 -2.91 12.53
C ALA B 155 17.32 -1.82 12.95
N SER B 156 16.17 -1.80 12.30
CA SER B 156 15.17 -0.78 12.60
C SER B 156 13.79 -1.36 12.31
N GLY B 157 12.87 -1.17 13.25
CA GLY B 157 11.50 -1.62 13.05
C GLY B 157 10.57 -1.43 14.23
N CYS B 158 9.93 -2.51 14.65
CA CYS B 158 8.85 -2.47 15.64
C CYS B 158 9.14 -3.37 16.82
N PRO B 159 9.62 -2.83 17.96
CA PRO B 159 9.86 -3.69 19.12
C PRO B 159 8.60 -4.27 19.71
N VAL B 160 7.44 -3.67 19.45
CA VAL B 160 6.19 -4.18 20.02
C VAL B 160 5.25 -4.52 18.86
N PHE B 161 5.78 -5.24 17.87
CA PHE B 161 5.00 -5.58 16.70
C PHE B 161 3.71 -6.33 17.07
N VAL B 162 3.83 -7.42 17.83
CA VAL B 162 2.66 -8.21 18.20
C VAL B 162 2.90 -8.77 19.59
N ALA B 163 1.87 -8.71 20.43
CA ALA B 163 1.94 -9.30 21.76
C ALA B 163 2.00 -10.81 21.65
N GLN B 164 2.85 -11.42 22.47
CA GLN B 164 3.00 -12.88 22.45
C GLN B 164 1.68 -13.59 22.71
N THR B 165 0.90 -13.11 23.69
CA THR B 165 -0.41 -13.70 23.94
C THR B 165 -1.30 -13.65 22.68
N VAL B 166 -1.35 -12.49 22.00
CA VAL B 166 -2.10 -12.40 20.76
C VAL B 166 -1.60 -13.42 19.75
N LEU B 167 -0.29 -13.34 19.43
CA LEU B 167 0.34 -14.23 18.47
C LEU B 167 -0.06 -15.69 18.67
N GLU B 168 0.03 -16.19 19.90
CA GLU B 168 -0.11 -17.62 20.15
C GLU B 168 -1.55 -18.07 20.32
N ASN B 169 -2.46 -17.15 20.59
CA ASN B 169 -3.87 -17.52 20.75
C ASN B 169 -4.64 -17.48 19.44
N GLY B 170 -4.13 -16.77 18.44
CA GLY B 170 -4.79 -16.65 17.15
C GLY B 170 -4.35 -17.74 16.19
N THR B 171 -4.59 -17.47 14.90
CA THR B 171 -4.26 -18.45 13.87
C THR B 171 -3.07 -18.00 13.03
N TYR B 172 -2.00 -17.54 13.70
CA TYR B 172 -0.74 -17.25 13.03
C TYR B 172 0.22 -18.45 13.06
N ILE B 173 -0.01 -19.42 13.93
CA ILE B 173 0.90 -20.53 14.10
C ILE B 173 0.15 -21.81 13.72
N LYS B 174 0.44 -22.34 12.53
CA LYS B 174 -0.02 -23.65 12.12
C LYS B 174 1.20 -24.55 11.90
N ASP B 175 1.09 -25.79 12.35
CA ASP B 175 2.19 -26.77 12.28
C ASP B 175 3.50 -26.19 12.82
N ASP B 176 3.42 -25.47 13.93
CA ASP B 176 4.61 -24.94 14.62
C ASP B 176 5.47 -24.09 13.68
N THR B 177 4.82 -23.31 12.81
CA THR B 177 5.47 -22.51 11.80
C THR B 177 4.83 -21.12 11.81
N ILE B 178 5.64 -20.09 11.53
CA ILE B 178 5.06 -18.79 11.21
C ILE B 178 5.70 -18.30 9.93
N PHE B 179 5.01 -17.37 9.29
CA PHE B 179 5.48 -16.74 8.07
C PHE B 179 5.59 -15.24 8.30
N ILE B 180 6.75 -14.67 7.97
CA ILE B 180 6.96 -13.25 8.00
C ILE B 180 7.12 -12.77 6.57
N LYS B 181 6.43 -11.69 6.23
CA LYS B 181 6.48 -11.04 4.93
C LYS B 181 7.00 -9.63 5.10
N VAL B 182 7.96 -9.22 4.28
CA VAL B 182 8.44 -7.85 4.22
C VAL B 182 8.27 -7.34 2.80
N ILE B 183 7.64 -6.18 2.65
CA ILE B 183 7.42 -5.58 1.34
C ILE B 183 8.13 -4.24 1.30
N VAL B 184 9.16 -4.15 0.47
CA VAL B 184 9.84 -2.90 0.17
C VAL B 184 9.27 -2.37 -1.13
N ASP B 185 8.93 -1.08 -1.16
CA ASP B 185 8.36 -0.47 -2.35
C ASP B 185 9.48 -0.12 -3.35
N THR B 186 9.38 -0.67 -4.57
CA THR B 186 10.40 -0.49 -5.60
C THR B 186 10.00 0.47 -6.71
N SER B 187 8.73 0.87 -6.79
CA SER B 187 8.21 1.63 -7.92
C SER B 187 8.86 3.02 -8.09
N ASP B 188 9.76 3.45 -7.20
CA ASP B 188 10.48 4.71 -7.36
C ASP B 188 11.94 4.52 -7.76
N LEU B 189 12.36 3.28 -8.02
CA LEU B 189 13.78 2.96 -8.13
C LEU B 189 14.21 2.94 -9.60
N PRO B 190 15.21 3.73 -9.98
CA PRO B 190 15.56 3.89 -11.40
C PRO B 190 16.42 2.78 -11.98
N ASP B 191 16.57 1.64 -11.29
CA ASP B 191 17.34 0.51 -11.79
C ASP B 191 18.79 0.88 -12.08
N THR C 2 49.39 -52.01 11.39
CA THR C 2 48.82 -52.37 10.09
C THR C 2 47.29 -52.59 10.20
N GLY C 3 46.86 -53.13 11.35
CA GLY C 3 45.45 -53.08 11.69
C GLY C 3 44.94 -51.65 11.77
N LEU C 4 45.64 -50.80 12.50
CA LEU C 4 45.28 -49.39 12.56
C LEU C 4 45.39 -48.73 11.18
N LEU C 5 46.48 -49.01 10.45
CA LEU C 5 46.66 -48.36 9.16
C LEU C 5 45.49 -48.69 8.25
N GLU C 6 45.07 -49.96 8.27
CA GLU C 6 43.98 -50.40 7.41
C GLU C 6 42.65 -49.79 7.83
N SER C 7 42.39 -49.74 9.15
CA SER C 7 41.18 -49.08 9.66
C SER C 7 41.05 -47.65 9.14
N GLN C 8 42.10 -46.85 9.29
CA GLN C 8 42.01 -45.48 8.84
C GLN C 8 41.80 -45.41 7.33
N LEU C 9 42.52 -46.24 6.55
CA LEU C 9 42.28 -46.23 5.11
C LEU C 9 40.83 -46.57 4.77
N SER C 10 40.24 -47.53 5.49
CA SER C 10 38.83 -47.84 5.29
C SER C 10 37.93 -46.64 5.64
N ARG C 11 38.17 -46.01 6.79
CA ARG C 11 37.40 -44.83 7.17
C ARG C 11 37.45 -43.78 6.05
N HIS C 12 38.66 -43.52 5.50
CA HIS C 12 38.78 -42.50 4.47
C HIS C 12 38.06 -42.91 3.20
N ASP C 13 38.16 -44.17 2.80
CA ASP C 13 37.44 -44.63 1.61
C ASP C 13 35.94 -44.39 1.73
N GLN C 14 35.36 -44.70 2.89
CA GLN C 14 33.91 -44.50 3.04
C GLN C 14 33.54 -43.03 2.97
N MET C 15 34.29 -42.17 3.69
CA MET C 15 34.04 -40.74 3.60
C MET C 15 34.23 -40.21 2.18
N LEU C 16 35.24 -40.73 1.46
CA LEU C 16 35.41 -40.34 0.05
C LEU C 16 34.23 -40.78 -0.80
N SER C 17 33.59 -41.91 -0.47
CA SER C 17 32.37 -42.32 -1.17
C SER C 17 31.23 -41.36 -0.90
N VAL C 18 30.99 -41.03 0.37
CA VAL C 18 29.95 -40.05 0.72
C VAL C 18 30.17 -38.73 -0.01
N HIS C 19 31.42 -38.25 -0.06
CA HIS C 19 31.69 -36.97 -0.69
C HIS C 19 31.37 -37.02 -2.19
N ASP C 20 31.69 -38.13 -2.86
CA ASP C 20 31.29 -38.32 -4.25
C ASP C 20 29.78 -38.26 -4.41
N ILE C 21 29.03 -38.82 -3.46
CA ILE C 21 27.59 -38.78 -3.57
C ILE C 21 27.10 -37.35 -3.42
N ARG C 22 27.50 -36.66 -2.34
CA ARG C 22 27.08 -35.27 -2.15
C ARG C 22 27.46 -34.39 -3.35
N LEU C 23 28.67 -34.58 -3.89
CA LEU C 23 29.06 -33.79 -5.07
C LEU C 23 28.13 -34.05 -6.25
N ALA C 24 27.76 -35.32 -6.45
CA ALA C 24 26.85 -35.63 -7.54
C ALA C 24 25.47 -35.05 -7.29
N ASP C 25 25.00 -35.06 -6.03
CA ASP C 25 23.69 -34.48 -5.76
C ASP C 25 23.72 -32.96 -5.90
N MET C 26 24.88 -32.32 -5.73
CA MET C 26 24.92 -30.88 -5.93
C MET C 26 24.93 -30.50 -7.39
N ASP C 27 25.58 -31.31 -8.23
CA ASP C 27 25.48 -31.07 -9.67
C ASP C 27 24.03 -31.05 -10.11
N LEU C 28 23.21 -31.96 -9.56
CA LEU C 28 21.80 -31.99 -9.94
C LEU C 28 21.06 -30.79 -9.37
N ARG C 29 21.37 -30.40 -8.14
CA ARG C 29 20.76 -29.21 -7.56
C ARG C 29 21.09 -27.96 -8.37
N PHE C 30 22.34 -27.82 -8.84
CA PHE C 30 22.69 -26.72 -9.72
C PHE C 30 21.81 -26.70 -10.97
N GLN C 31 21.63 -27.85 -11.62
CA GLN C 31 20.86 -27.90 -12.86
C GLN C 31 19.44 -27.43 -12.66
N VAL C 32 18.81 -27.89 -11.58
CA VAL C 32 17.49 -27.43 -11.17
C VAL C 32 17.46 -25.91 -10.96
N LEU C 33 18.44 -25.35 -10.23
CA LEU C 33 18.46 -23.90 -10.00
C LEU C 33 18.62 -23.13 -11.32
N GLU C 34 19.59 -23.57 -12.15
CA GLU C 34 19.89 -22.91 -13.41
C GLU C 34 18.74 -22.96 -14.42
N THR C 35 17.73 -23.81 -14.22
CA THR C 35 16.60 -23.87 -15.12
C THR C 35 15.30 -23.47 -14.45
N ALA C 36 15.35 -22.94 -13.23
CA ALA C 36 14.16 -22.49 -12.53
C ALA C 36 13.55 -21.27 -13.21
N SER C 37 12.23 -21.16 -13.13
CA SER C 37 11.55 -19.94 -13.55
C SER C 37 10.43 -19.62 -12.57
N TYR C 38 10.07 -18.33 -12.51
CA TYR C 38 9.20 -17.83 -11.46
C TYR C 38 8.06 -16.96 -12.00
N ASN C 39 7.81 -16.99 -13.31
CA ASN C 39 6.71 -16.28 -13.93
C ASN C 39 5.62 -17.22 -14.43
N GLY C 40 5.58 -18.45 -13.93
CA GLY C 40 4.55 -19.37 -14.34
C GLY C 40 4.67 -19.90 -15.75
N VAL C 41 5.86 -19.87 -16.36
CA VAL C 41 6.06 -20.41 -17.70
C VAL C 41 7.26 -21.34 -17.66
N LEU C 42 7.04 -22.60 -18.05
CA LEU C 42 8.09 -23.60 -18.12
C LEU C 42 8.46 -23.86 -19.58
N ILE C 43 9.75 -23.84 -19.88
CA ILE C 43 10.28 -24.41 -21.11
C ILE C 43 11.11 -25.61 -20.71
N TRP C 44 10.76 -26.78 -21.25
CA TRP C 44 11.41 -28.04 -20.90
C TRP C 44 12.11 -28.57 -22.15
N LYS C 45 13.42 -28.77 -22.06
CA LYS C 45 14.20 -29.26 -23.19
C LYS C 45 14.50 -30.74 -22.98
N ILE C 46 14.03 -31.60 -23.90
CA ILE C 46 14.18 -33.04 -23.78
C ILE C 46 15.12 -33.51 -24.90
N ARG C 47 16.32 -33.92 -24.51
CA ARG C 47 17.34 -34.39 -25.43
C ARG C 47 17.30 -35.91 -25.50
N ASP C 48 17.97 -36.45 -26.53
CA ASP C 48 18.07 -37.90 -26.75
C ASP C 48 16.69 -38.53 -26.92
N TYR C 49 15.90 -37.96 -27.82
CA TYR C 49 14.51 -38.39 -27.97
C TYR C 49 14.43 -39.86 -28.38
N LYS C 50 15.15 -40.25 -29.46
CA LYS C 50 15.12 -41.62 -29.94
C LYS C 50 15.47 -42.62 -28.84
N ARG C 51 16.62 -42.44 -28.20
CA ARG C 51 17.01 -43.35 -27.13
C ARG C 51 15.96 -43.37 -26.03
N ARG C 52 15.44 -42.18 -25.67
CA ARG C 52 14.50 -42.07 -24.56
C ARG C 52 13.14 -42.65 -24.94
N LYS C 53 12.69 -42.39 -26.15
CA LYS C 53 11.45 -42.99 -26.63
C LYS C 53 11.54 -44.52 -26.62
N GLN C 54 12.73 -45.05 -26.91
CA GLN C 54 12.96 -46.48 -26.87
C GLN C 54 12.93 -47.00 -25.43
N GLU C 55 13.48 -46.24 -24.48
CA GLU C 55 13.45 -46.68 -23.10
C GLU C 55 12.03 -46.72 -22.53
N ALA C 56 11.09 -45.99 -23.13
CA ALA C 56 9.70 -46.05 -22.70
C ALA C 56 8.97 -47.23 -23.34
N VAL C 57 9.41 -47.65 -24.54
CA VAL C 57 8.81 -48.82 -25.18
C VAL C 57 9.24 -50.08 -24.45
N MET C 58 10.54 -50.21 -24.17
CA MET C 58 11.07 -51.34 -23.42
C MET C 58 10.56 -51.37 -21.99
N GLY C 59 9.81 -50.36 -21.56
CA GLY C 59 9.37 -50.26 -20.18
C GLY C 59 10.45 -49.95 -19.18
N LYS C 60 11.63 -49.50 -19.63
CA LYS C 60 12.65 -49.06 -18.68
C LYS C 60 12.23 -47.77 -17.98
N THR C 61 12.01 -46.69 -18.75
CA THR C 61 11.55 -45.41 -18.22
C THR C 61 10.25 -45.03 -18.91
N LEU C 62 9.13 -45.21 -18.21
CA LEU C 62 7.83 -44.96 -18.83
C LEU C 62 7.54 -43.47 -18.98
N SER C 63 7.94 -42.65 -18.01
CA SER C 63 7.62 -41.22 -18.05
C SER C 63 8.81 -40.39 -17.58
N LEU C 64 8.78 -39.11 -17.95
CA LEU C 64 9.83 -38.15 -17.59
C LEU C 64 9.19 -36.98 -16.88
N TYR C 65 9.94 -36.38 -15.94
CA TYR C 65 9.52 -35.19 -15.21
C TYR C 65 10.37 -33.99 -15.61
N SER C 66 9.73 -32.83 -15.76
CA SER C 66 10.44 -31.56 -15.89
C SER C 66 11.02 -31.12 -14.55
N GLN C 67 11.94 -30.16 -14.63
CA GLN C 67 12.34 -29.42 -13.44
C GLN C 67 11.14 -28.64 -12.90
N PRO C 68 11.10 -28.32 -11.61
CA PRO C 68 9.97 -27.55 -11.08
C PRO C 68 9.98 -26.13 -11.60
N PHE C 69 8.79 -25.53 -11.67
CA PHE C 69 8.66 -24.12 -11.98
C PHE C 69 7.53 -23.53 -11.15
N TYR C 70 7.46 -22.20 -11.14
CA TYR C 70 6.72 -21.48 -10.12
C TYR C 70 5.93 -20.31 -10.71
N THR C 71 4.80 -20.01 -10.05
CA THR C 71 3.98 -18.85 -10.39
C THR C 71 4.61 -17.54 -9.89
N GLY C 72 5.40 -17.60 -8.83
CA GLY C 72 6.14 -16.45 -8.34
C GLY C 72 7.20 -16.95 -7.40
N TYR C 73 8.01 -16.01 -6.87
CA TYR C 73 9.12 -16.40 -5.99
C TYR C 73 8.65 -17.25 -4.80
N PHE C 74 7.43 -17.03 -4.30
CA PHE C 74 6.91 -17.84 -3.20
C PHE C 74 5.54 -18.42 -3.54
N GLY C 75 5.32 -18.78 -4.81
CA GLY C 75 4.04 -19.25 -5.29
C GLY C 75 3.93 -20.77 -5.38
N TYR C 76 2.98 -21.21 -6.19
CA TYR C 76 2.79 -22.65 -6.38
C TYR C 76 4.04 -23.27 -7.00
N LYS C 77 4.41 -24.44 -6.50
CA LYS C 77 5.45 -25.25 -7.11
C LYS C 77 4.77 -26.30 -8.00
N MET C 78 5.16 -26.32 -9.28
CA MET C 78 4.55 -27.19 -10.26
C MET C 78 5.62 -27.81 -11.16
N CYS C 79 5.20 -28.80 -11.95
CA CYS C 79 6.07 -29.38 -12.96
C CYS C 79 5.23 -30.16 -13.96
N ALA C 80 5.89 -30.66 -15.00
CA ALA C 80 5.23 -31.36 -16.08
C ALA C 80 5.77 -32.78 -16.17
N ARG C 81 4.93 -33.67 -16.71
CA ARG C 81 5.23 -35.09 -16.86
C ARG C 81 4.91 -35.51 -18.29
N VAL C 82 5.85 -36.19 -18.95
CA VAL C 82 5.64 -36.65 -20.31
C VAL C 82 5.75 -38.17 -20.38
N TYR C 83 4.96 -38.77 -21.26
CA TYR C 83 5.09 -40.18 -21.63
C TYR C 83 5.39 -40.20 -23.11
N LEU C 84 6.65 -40.45 -23.47
CA LEU C 84 7.06 -40.49 -24.88
C LEU C 84 6.39 -41.63 -25.65
N ASN C 85 6.00 -42.71 -24.98
CA ASN C 85 5.25 -43.77 -25.64
C ASN C 85 3.79 -43.77 -25.23
N GLY C 86 3.31 -42.72 -24.55
CA GLY C 86 1.92 -42.57 -24.25
C GLY C 86 1.48 -43.38 -23.03
N ASP C 87 0.36 -42.95 -22.46
CA ASP C 87 -0.26 -43.51 -21.28
C ASP C 87 -1.77 -43.52 -21.46
N GLY C 88 -2.44 -44.38 -20.67
CA GLY C 88 -3.89 -44.47 -20.72
C GLY C 88 -4.37 -44.86 -22.10
N MET C 89 -5.42 -44.16 -22.55
CA MET C 89 -6.03 -44.32 -23.87
C MET C 89 -5.07 -43.96 -25.01
N GLY C 90 -3.84 -43.57 -24.70
CA GLY C 90 -2.88 -43.15 -25.71
C GLY C 90 -1.63 -44.00 -25.68
N LYS C 91 -1.58 -45.01 -24.81
CA LYS C 91 -0.38 -45.85 -24.73
C LYS C 91 -0.06 -46.48 -26.09
N GLY C 92 1.21 -46.41 -26.48
CA GLY C 92 1.68 -46.98 -27.71
C GLY C 92 1.30 -46.23 -28.97
N THR C 93 0.33 -45.32 -28.91
CA THR C 93 -0.10 -44.58 -30.09
C THR C 93 0.16 -43.08 -30.04
N HIS C 94 0.30 -42.48 -28.85
CA HIS C 94 0.42 -41.04 -28.72
C HIS C 94 1.58 -40.66 -27.81
N LEU C 95 1.91 -39.37 -27.83
CA LEU C 95 2.68 -38.77 -26.75
C LEU C 95 1.69 -38.22 -25.73
N SER C 96 1.92 -38.52 -24.45
CA SER C 96 1.05 -38.09 -23.37
C SER C 96 1.76 -37.03 -22.53
N LEU C 97 1.04 -35.94 -22.21
CA LEU C 97 1.58 -34.78 -21.51
C LEU C 97 0.67 -34.40 -20.34
N PHE C 98 1.25 -34.18 -19.17
CA PHE C 98 0.48 -33.92 -17.96
C PHE C 98 1.07 -32.76 -17.15
N PHE C 99 0.22 -32.19 -16.29
CA PHE C 99 0.54 -31.10 -15.38
C PHE C 99 0.44 -31.60 -13.94
N VAL C 100 1.39 -31.19 -13.10
CA VAL C 100 1.56 -31.74 -11.75
C VAL C 100 1.74 -30.62 -10.75
N ILE C 101 0.91 -30.62 -9.72
CA ILE C 101 1.09 -29.76 -8.56
C ILE C 101 1.98 -30.47 -7.56
N MET C 102 3.02 -29.79 -7.07
CA MET C 102 3.90 -30.34 -6.07
C MET C 102 3.74 -29.59 -4.74
N ARG C 103 4.21 -30.22 -3.66
CA ARG C 103 4.15 -29.60 -2.34
C ARG C 103 5.20 -28.52 -2.25
N GLY C 104 4.77 -27.25 -2.27
CA GLY C 104 5.67 -26.14 -2.06
C GLY C 104 5.75 -25.69 -0.60
N GLU C 105 6.81 -24.93 -0.30
CA GLU C 105 7.05 -24.48 1.07
C GLU C 105 6.03 -23.48 1.56
N TYR C 106 5.32 -22.82 0.67
CA TYR C 106 4.40 -21.74 1.04
C TYR C 106 2.96 -22.11 0.77
N ASP C 107 2.67 -23.42 0.64
CA ASP C 107 1.31 -23.91 0.38
C ASP C 107 0.30 -23.35 1.39
N ALA C 108 0.70 -23.21 2.66
CA ALA C 108 -0.18 -22.65 3.67
C ALA C 108 -0.57 -21.19 3.39
N LEU C 109 0.04 -20.54 2.41
CA LEU C 109 -0.26 -19.14 2.09
C LEU C 109 -1.01 -18.97 0.78
N LEU C 110 -1.27 -20.06 0.04
CA LEU C 110 -1.81 -19.97 -1.30
C LEU C 110 -3.27 -20.45 -1.37
N PRO C 111 -4.05 -19.93 -2.32
CA PRO C 111 -5.42 -20.41 -2.51
C PRO C 111 -5.47 -21.89 -2.90
N TRP C 112 -6.39 -22.62 -2.27
CA TRP C 112 -6.73 -23.99 -2.63
C TRP C 112 -8.23 -24.14 -2.77
N PRO C 113 -8.69 -25.01 -3.68
CA PRO C 113 -7.89 -25.71 -4.70
C PRO C 113 -7.24 -24.81 -5.73
N PHE C 114 -6.18 -25.34 -6.35
CA PHE C 114 -5.53 -24.67 -7.47
C PHE C 114 -6.54 -24.44 -8.58
N LYS C 115 -6.66 -23.19 -9.03
CA LYS C 115 -7.68 -22.79 -10.00
C LYS C 115 -7.11 -22.06 -11.20
N GLN C 116 -5.78 -21.96 -11.34
CA GLN C 116 -5.17 -21.22 -12.44
C GLN C 116 -5.31 -21.97 -13.77
N LYS C 117 -5.56 -21.21 -14.84
CA LYS C 117 -5.60 -21.79 -16.18
C LYS C 117 -4.22 -22.28 -16.61
N VAL C 118 -4.19 -23.44 -17.28
CA VAL C 118 -2.97 -24.15 -17.65
C VAL C 118 -2.96 -24.40 -19.16
N THR C 119 -1.83 -24.13 -19.80
CA THR C 119 -1.68 -24.44 -21.22
C THR C 119 -0.49 -25.37 -21.42
N LEU C 120 -0.75 -26.53 -22.02
CA LEU C 120 0.28 -27.49 -22.39
C LEU C 120 0.62 -27.33 -23.86
N MET C 121 1.90 -27.49 -24.19
CA MET C 121 2.38 -27.16 -25.52
C MET C 121 3.58 -28.01 -25.94
N LEU C 122 3.59 -28.39 -27.21
CA LEU C 122 4.73 -29.01 -27.86
C LEU C 122 5.24 -28.03 -28.90
N MET C 123 6.48 -27.60 -28.76
CA MET C 123 7.01 -26.51 -29.57
C MET C 123 7.41 -27.01 -30.96
N ASP C 124 6.97 -26.28 -31.98
CA ASP C 124 7.41 -26.50 -33.36
C ASP C 124 8.74 -25.76 -33.59
N GLN C 125 9.81 -26.51 -33.78
CA GLN C 125 11.12 -25.96 -34.06
C GLN C 125 11.30 -25.54 -35.54
N GLY C 126 10.23 -25.55 -36.35
CA GLY C 126 10.30 -25.17 -37.74
C GLY C 126 9.89 -23.72 -37.97
N SER C 127 10.11 -23.27 -39.21
CA SER C 127 9.91 -21.86 -39.56
C SER C 127 8.46 -21.42 -39.36
N SER C 128 7.51 -22.34 -39.58
CA SER C 128 6.11 -22.03 -39.33
C SER C 128 5.87 -21.66 -37.87
N ARG C 129 6.64 -22.26 -36.95
CA ARG C 129 6.42 -22.12 -35.52
C ARG C 129 4.96 -22.41 -35.18
N ARG C 130 4.50 -23.58 -35.61
CA ARG C 130 3.10 -23.99 -35.47
C ARG C 130 2.97 -24.94 -34.28
N HIS C 131 3.00 -24.35 -33.09
CA HIS C 131 3.05 -25.12 -31.85
C HIS C 131 1.74 -25.84 -31.59
N LEU C 132 1.84 -27.10 -31.14
CA LEU C 132 0.68 -27.86 -30.69
C LEU C 132 0.36 -27.49 -29.25
N GLY C 133 -0.93 -27.35 -28.95
CA GLY C 133 -1.27 -26.93 -27.61
C GLY C 133 -2.70 -27.21 -27.25
N ASP C 134 -2.98 -27.16 -25.95
CA ASP C 134 -4.29 -27.38 -25.38
C ASP C 134 -4.32 -26.68 -24.03
N ALA C 135 -5.51 -26.24 -23.62
CA ALA C 135 -5.66 -25.56 -22.35
C ALA C 135 -6.82 -26.17 -21.58
N PHE C 136 -6.86 -25.87 -20.27
CA PHE C 136 -8.00 -26.26 -19.47
C PHE C 136 -8.04 -25.44 -18.19
N LYS C 137 -9.22 -25.41 -17.58
CA LYS C 137 -9.43 -24.80 -16.28
C LYS C 137 -9.52 -25.90 -15.24
N PRO C 138 -8.68 -25.90 -14.21
CA PRO C 138 -8.67 -27.02 -13.27
C PRO C 138 -10.05 -27.19 -12.65
N ASP C 139 -10.58 -28.41 -12.75
CA ASP C 139 -11.82 -28.78 -12.09
C ASP C 139 -11.61 -28.83 -10.59
N PRO C 140 -12.35 -28.04 -9.79
CA PRO C 140 -12.06 -27.98 -8.34
C PRO C 140 -12.42 -29.26 -7.57
N ASN C 141 -13.07 -30.24 -8.18
CA ASN C 141 -13.36 -31.50 -7.48
C ASN C 141 -12.26 -32.54 -7.64
N SER C 142 -11.26 -32.28 -8.49
CA SER C 142 -10.20 -33.25 -8.73
C SER C 142 -9.17 -33.18 -7.61
N SER C 143 -8.75 -34.35 -7.11
CA SER C 143 -7.64 -34.38 -6.16
C SER C 143 -6.31 -34.00 -6.80
N SER C 144 -6.32 -33.67 -8.10
CA SER C 144 -5.14 -33.16 -8.79
C SER C 144 -4.80 -31.75 -8.33
N PHE C 145 -5.81 -31.01 -7.88
CA PHE C 145 -5.66 -29.62 -7.54
C PHE C 145 -5.92 -29.38 -6.06
N LYS C 146 -5.95 -30.44 -5.26
CA LYS C 146 -6.01 -30.28 -3.82
C LYS C 146 -4.66 -29.84 -3.29
N LYS C 147 -4.67 -29.18 -2.13
CA LYS C 147 -3.45 -28.80 -1.45
C LYS C 147 -2.58 -30.04 -1.20
N PRO C 148 -1.37 -30.10 -1.77
CA PRO C 148 -0.60 -31.35 -1.71
C PRO C 148 -0.42 -31.86 -0.29
N THR C 149 -0.51 -33.19 -0.14
CA THR C 149 -0.18 -33.90 1.09
C THR C 149 1.04 -34.78 0.97
N GLY C 150 1.35 -35.27 -0.23
CA GLY C 150 2.62 -35.88 -0.53
C GLY C 150 3.39 -35.00 -1.50
N GLU C 151 4.55 -35.50 -1.92
CA GLU C 151 5.46 -34.71 -2.74
C GLU C 151 4.77 -34.15 -3.99
N MET C 152 3.94 -34.96 -4.64
CA MET C 152 3.20 -34.53 -5.82
C MET C 152 1.75 -34.99 -5.74
N ASN C 153 0.87 -34.21 -6.37
CA ASN C 153 -0.50 -34.63 -6.58
C ASN C 153 -0.61 -35.57 -7.80
N ILE C 154 -1.80 -36.15 -7.98
CA ILE C 154 -2.10 -36.90 -9.19
C ILE C 154 -1.95 -36.00 -10.40
N ALA C 155 -1.21 -36.47 -11.41
CA ALA C 155 -1.05 -35.68 -12.62
C ALA C 155 -2.38 -35.58 -13.35
N SER C 156 -2.50 -34.52 -14.14
CA SER C 156 -3.73 -34.27 -14.87
C SER C 156 -3.39 -33.58 -16.19
N GLY C 157 -4.01 -34.03 -17.28
CA GLY C 157 -3.78 -33.41 -18.58
C GLY C 157 -4.37 -34.14 -19.76
N CYS C 158 -3.52 -34.47 -20.75
CA CYS C 158 -3.98 -34.96 -22.05
C CYS C 158 -3.31 -36.28 -22.43
N PRO C 159 -3.96 -37.42 -22.23
CA PRO C 159 -3.36 -38.70 -22.66
C PRO C 159 -3.15 -38.77 -24.17
N VAL C 160 -4.04 -38.16 -24.95
CA VAL C 160 -3.86 -38.21 -26.39
C VAL C 160 -3.49 -36.83 -26.88
N PHE C 161 -2.42 -36.27 -26.33
CA PHE C 161 -1.98 -34.93 -26.73
C PHE C 161 -1.68 -34.89 -28.23
N VAL C 162 -0.73 -35.69 -28.68
CA VAL C 162 -0.36 -35.70 -30.09
C VAL C 162 -0.02 -37.13 -30.47
N ALA C 163 -0.49 -37.56 -31.64
CA ALA C 163 -0.16 -38.89 -32.13
C ALA C 163 1.31 -38.98 -32.49
N GLN C 164 1.93 -40.12 -32.15
CA GLN C 164 3.37 -40.28 -32.37
C GLN C 164 3.72 -40.08 -33.84
N THR C 165 2.89 -40.60 -34.76
CA THR C 165 3.17 -40.45 -36.18
C THR C 165 3.25 -38.99 -36.60
N VAL C 166 2.28 -38.18 -36.15
CA VAL C 166 2.34 -36.73 -36.43
C VAL C 166 3.63 -36.16 -35.86
N LEU C 167 3.90 -36.42 -34.59
CA LEU C 167 5.05 -35.80 -33.94
C LEU C 167 6.35 -36.16 -34.65
N GLU C 168 6.46 -37.37 -35.20
CA GLU C 168 7.73 -37.80 -35.74
C GLU C 168 7.92 -37.43 -37.21
N ASN C 169 6.83 -37.21 -37.94
CA ASN C 169 6.91 -36.80 -39.34
C ASN C 169 6.87 -35.29 -39.53
N GLY C 170 6.55 -34.52 -38.49
CA GLY C 170 6.58 -33.08 -38.55
C GLY C 170 7.94 -32.52 -38.19
N THR C 171 7.96 -31.23 -37.88
CA THR C 171 9.20 -30.54 -37.51
C THR C 171 9.31 -30.27 -36.01
N TYR C 172 8.60 -31.05 -35.18
CA TYR C 172 8.71 -30.89 -33.73
C TYR C 172 10.04 -31.44 -33.22
N ILE C 173 10.52 -32.50 -33.83
CA ILE C 173 11.80 -33.08 -33.46
C ILE C 173 12.89 -32.48 -34.32
N LYS C 174 14.02 -32.16 -33.69
CA LYS C 174 15.15 -31.56 -34.38
C LYS C 174 16.38 -31.79 -33.51
N ASP C 175 17.46 -32.26 -34.13
CA ASP C 175 18.66 -32.65 -33.39
C ASP C 175 18.31 -33.54 -32.21
N ASP C 176 17.34 -34.43 -32.42
CA ASP C 176 16.96 -35.45 -31.44
C ASP C 176 16.43 -34.82 -30.14
N THR C 177 15.71 -33.68 -30.26
CA THR C 177 15.35 -32.83 -29.13
C THR C 177 13.92 -32.34 -29.31
N ILE C 178 13.14 -32.34 -28.22
CA ILE C 178 11.85 -31.68 -28.26
C ILE C 178 11.79 -30.67 -27.12
N PHE C 179 10.89 -29.71 -27.29
CA PHE C 179 10.63 -28.68 -26.30
C PHE C 179 9.17 -28.76 -25.91
N ILE C 180 8.92 -28.78 -24.62
CA ILE C 180 7.57 -28.67 -24.09
C ILE C 180 7.47 -27.37 -23.31
N LYS C 181 6.33 -26.70 -23.47
CA LYS C 181 6.06 -25.42 -22.82
C LYS C 181 4.77 -25.57 -22.04
N VAL C 182 4.78 -25.11 -20.79
CA VAL C 182 3.60 -25.03 -19.95
C VAL C 182 3.42 -23.59 -19.51
N ILE C 183 2.23 -23.05 -19.71
CA ILE C 183 1.92 -21.69 -19.33
C ILE C 183 0.78 -21.71 -18.32
N VAL C 184 1.07 -21.28 -17.11
CA VAL C 184 0.09 -21.13 -16.05
C VAL C 184 -0.26 -19.66 -15.95
N ASP C 185 -1.53 -19.33 -16.16
CA ASP C 185 -1.98 -17.95 -16.00
C ASP C 185 -1.81 -17.54 -14.54
N THR C 186 -1.25 -16.33 -14.32
CA THR C 186 -0.94 -15.86 -12.98
C THR C 186 -1.47 -14.46 -12.69
N SER C 187 -2.32 -13.91 -13.55
CA SER C 187 -2.71 -12.51 -13.46
C SER C 187 -3.90 -12.27 -12.52
N ASP C 188 -4.26 -13.25 -11.68
CA ASP C 188 -5.29 -13.03 -10.66
C ASP C 188 -4.81 -13.42 -9.28
N LEU C 189 -3.51 -13.43 -9.03
CA LEU C 189 -2.95 -13.78 -7.74
C LEU C 189 -2.13 -12.65 -7.16
N PRO C 190 -1.92 -12.66 -5.83
CA PRO C 190 -0.89 -11.79 -5.25
C PRO C 190 0.49 -12.07 -5.86
N ASP C 191 1.20 -11.00 -6.20
CA ASP C 191 2.51 -11.12 -6.88
C ASP C 191 3.54 -11.90 -6.06
N THR D 2 -49.44 53.36 -9.90
CA THR D 2 -49.57 51.95 -10.30
C THR D 2 -48.29 51.45 -11.00
N GLY D 3 -47.64 52.33 -11.76
CA GLY D 3 -46.30 52.02 -12.23
C GLY D 3 -45.31 51.84 -11.10
N LEU D 4 -45.45 52.64 -10.04
CA LEU D 4 -44.56 52.50 -8.89
C LEU D 4 -44.77 51.15 -8.22
N LEU D 5 -46.03 50.79 -7.96
CA LEU D 5 -46.29 49.51 -7.30
C LEU D 5 -45.82 48.35 -8.17
N GLU D 6 -46.07 48.42 -9.47
CA GLU D 6 -45.62 47.36 -10.37
C GLU D 6 -44.10 47.21 -10.35
N SER D 7 -43.36 48.33 -10.33
CA SER D 7 -41.89 48.27 -10.21
C SER D 7 -41.46 47.53 -8.95
N GLN D 8 -42.02 47.92 -7.80
CA GLN D 8 -41.61 47.29 -6.56
C GLN D 8 -41.98 45.80 -6.54
N LEU D 9 -43.21 45.45 -6.95
CA LEU D 9 -43.56 44.03 -7.10
C LEU D 9 -42.54 43.28 -7.97
N SER D 10 -42.07 43.91 -9.05
CA SER D 10 -41.10 43.27 -9.92
C SER D 10 -39.76 43.07 -9.21
N ARG D 11 -39.30 44.07 -8.45
CA ARG D 11 -38.08 43.91 -7.67
C ARG D 11 -38.21 42.79 -6.65
N HIS D 12 -39.39 42.67 -6.04
CA HIS D 12 -39.59 41.63 -5.04
C HIS D 12 -39.59 40.25 -5.66
N ASP D 13 -40.23 40.11 -6.83
CA ASP D 13 -40.19 38.84 -7.55
C ASP D 13 -38.76 38.43 -7.89
N GLN D 14 -37.95 39.38 -8.40
CA GLN D 14 -36.56 39.08 -8.71
C GLN D 14 -35.81 38.61 -7.48
N MET D 15 -35.94 39.34 -6.38
CA MET D 15 -35.21 38.97 -5.17
C MET D 15 -35.70 37.61 -4.64
N LEU D 16 -37.01 37.38 -4.71
CA LEU D 16 -37.56 36.08 -4.30
C LEU D 16 -37.00 34.94 -5.16
N SER D 17 -36.88 35.15 -6.47
CA SER D 17 -36.26 34.11 -7.31
C SER D 17 -34.81 33.85 -6.92
N VAL D 18 -34.03 34.91 -6.70
CA VAL D 18 -32.65 34.72 -6.27
C VAL D 18 -32.60 33.95 -4.96
N HIS D 19 -33.52 34.27 -4.03
CA HIS D 19 -33.55 33.58 -2.75
C HIS D 19 -33.91 32.11 -2.92
N ASP D 20 -34.79 31.78 -3.85
CA ASP D 20 -35.10 30.37 -4.12
C ASP D 20 -33.89 29.60 -4.66
N ILE D 21 -33.13 30.20 -5.58
CA ILE D 21 -31.92 29.54 -6.07
C ILE D 21 -30.95 29.33 -4.92
N ARG D 22 -30.65 30.41 -4.18
CA ARG D 22 -29.72 30.33 -3.05
C ARG D 22 -30.11 29.23 -2.06
N LEU D 23 -31.41 29.09 -1.77
CA LEU D 23 -31.86 28.06 -0.85
C LEU D 23 -31.66 26.66 -1.44
N ALA D 24 -31.95 26.48 -2.73
CA ALA D 24 -31.68 25.19 -3.37
C ALA D 24 -30.19 24.87 -3.33
N ASP D 25 -29.35 25.88 -3.56
CA ASP D 25 -27.92 25.63 -3.52
C ASP D 25 -27.43 25.29 -2.12
N MET D 26 -28.05 25.85 -1.08
CA MET D 26 -27.65 25.46 0.26
C MET D 26 -28.09 24.04 0.58
N ASP D 27 -29.28 23.64 0.13
CA ASP D 27 -29.72 22.25 0.25
C ASP D 27 -28.69 21.29 -0.32
N LEU D 28 -28.18 21.60 -1.51
CA LEU D 28 -27.10 20.80 -2.10
C LEU D 28 -25.86 20.81 -1.22
N ARG D 29 -25.47 22.00 -0.73
CA ARG D 29 -24.28 22.11 0.11
C ARG D 29 -24.43 21.31 1.40
N PHE D 30 -25.63 21.27 1.99
CA PHE D 30 -25.87 20.45 3.16
C PHE D 30 -25.63 18.97 2.88
N GLN D 31 -26.09 18.47 1.73
CA GLN D 31 -25.91 17.05 1.43
C GLN D 31 -24.44 16.70 1.21
N VAL D 32 -23.69 17.55 0.50
CA VAL D 32 -22.24 17.33 0.37
C VAL D 32 -21.59 17.25 1.76
N LEU D 33 -22.02 18.09 2.69
CA LEU D 33 -21.39 18.12 4.01
C LEU D 33 -21.81 16.93 4.88
N GLU D 34 -23.11 16.58 4.88
CA GLU D 34 -23.58 15.45 5.69
C GLU D 34 -22.95 14.13 5.27
N THR D 35 -22.38 14.03 4.07
CA THR D 35 -21.79 12.78 3.59
C THR D 35 -20.29 12.91 3.31
N ALA D 36 -19.62 13.90 3.89
CA ALA D 36 -18.18 14.03 3.71
C ALA D 36 -17.41 13.05 4.60
N SER D 37 -16.23 12.65 4.13
CA SER D 37 -15.34 11.75 4.85
C SER D 37 -13.92 12.31 4.78
N TYR D 38 -13.16 12.09 5.85
CA TYR D 38 -11.84 12.70 5.95
C TYR D 38 -10.75 11.69 6.34
N ASN D 39 -11.01 10.39 6.16
CA ASN D 39 -10.05 9.34 6.42
C ASN D 39 -9.66 8.58 5.16
N GLY D 40 -9.97 9.14 3.99
CA GLY D 40 -9.60 8.51 2.74
C GLY D 40 -10.47 7.35 2.29
N VAL D 41 -11.66 7.20 2.86
CA VAL D 41 -12.59 6.15 2.46
C VAL D 41 -13.89 6.80 2.01
N LEU D 42 -14.34 6.46 0.80
CA LEU D 42 -15.61 6.92 0.27
C LEU D 42 -16.55 5.73 0.18
N ILE D 43 -17.75 5.87 0.73
CA ILE D 43 -18.89 5.03 0.37
C ILE D 43 -19.84 5.91 -0.43
N TRP D 44 -20.22 5.46 -1.62
CA TRP D 44 -21.06 6.24 -2.53
C TRP D 44 -22.29 5.41 -2.85
N LYS D 45 -23.46 5.90 -2.45
CA LYS D 45 -24.72 5.18 -2.60
C LYS D 45 -25.47 5.74 -3.80
N ILE D 46 -25.71 4.89 -4.80
CA ILE D 46 -26.40 5.31 -6.02
C ILE D 46 -27.80 4.70 -6.03
N ARG D 47 -28.80 5.56 -5.87
CA ARG D 47 -30.20 5.14 -5.95
C ARG D 47 -30.70 5.26 -7.39
N ASP D 48 -31.82 4.59 -7.67
CA ASP D 48 -32.53 4.68 -8.95
C ASP D 48 -31.68 4.13 -10.08
N TYR D 49 -31.08 2.96 -9.85
CA TYR D 49 -30.12 2.40 -10.79
C TYR D 49 -30.74 2.20 -12.17
N LYS D 50 -31.87 1.50 -12.23
CA LYS D 50 -32.55 1.22 -13.49
C LYS D 50 -32.81 2.50 -14.26
N ARG D 51 -33.37 3.52 -13.59
CA ARG D 51 -33.65 4.79 -14.25
C ARG D 51 -32.37 5.44 -14.76
N ARG D 52 -31.32 5.50 -13.93
CA ARG D 52 -30.12 6.20 -14.36
C ARG D 52 -29.33 5.41 -15.38
N LYS D 53 -29.31 4.07 -15.28
CA LYS D 53 -28.68 3.25 -16.31
C LYS D 53 -29.33 3.52 -17.67
N GLN D 54 -30.66 3.55 -17.70
CA GLN D 54 -31.36 3.93 -18.92
C GLN D 54 -31.00 5.33 -19.37
N GLU D 55 -30.71 6.23 -18.42
CA GLU D 55 -30.36 7.59 -18.79
C GLU D 55 -29.02 7.61 -19.52
N ALA D 56 -28.12 6.67 -19.19
CA ALA D 56 -26.82 6.61 -19.84
C ALA D 56 -26.91 5.97 -21.22
N VAL D 57 -27.76 4.93 -21.37
CA VAL D 57 -27.96 4.33 -22.69
C VAL D 57 -28.49 5.37 -23.68
N MET D 58 -29.48 6.18 -23.26
CA MET D 58 -30.01 7.24 -24.10
C MET D 58 -29.09 8.44 -24.20
N GLY D 59 -27.92 8.38 -23.57
CA GLY D 59 -26.95 9.46 -23.64
C GLY D 59 -27.42 10.73 -22.97
N LYS D 60 -28.50 10.65 -22.20
CA LYS D 60 -28.96 11.81 -21.45
C LYS D 60 -27.95 12.20 -20.38
N THR D 61 -27.44 11.22 -19.62
CA THR D 61 -26.45 11.44 -18.56
C THR D 61 -25.45 10.28 -18.61
N LEU D 62 -24.33 10.47 -19.28
CA LEU D 62 -23.39 9.37 -19.42
C LEU D 62 -22.72 9.03 -18.09
N SER D 63 -22.35 10.04 -17.29
CA SER D 63 -21.60 9.79 -16.07
C SER D 63 -22.26 10.44 -14.86
N LEU D 64 -21.79 10.02 -13.68
CA LEU D 64 -22.25 10.51 -12.39
C LEU D 64 -21.02 10.65 -11.50
N TYR D 65 -21.00 11.71 -10.69
CA TYR D 65 -19.89 11.96 -9.78
C TYR D 65 -20.33 11.67 -8.36
N SER D 66 -19.42 11.14 -7.56
CA SER D 66 -19.61 11.09 -6.13
C SER D 66 -19.44 12.48 -5.53
N GLN D 67 -19.87 12.62 -4.29
CA GLN D 67 -19.48 13.75 -3.48
C GLN D 67 -17.98 13.67 -3.22
N PRO D 68 -17.33 14.81 -2.92
CA PRO D 68 -15.91 14.76 -2.57
C PRO D 68 -15.66 13.97 -1.30
N PHE D 69 -14.45 13.45 -1.17
CA PHE D 69 -13.95 12.91 0.09
C PHE D 69 -12.47 13.26 0.16
N TYR D 70 -11.88 13.06 1.33
CA TYR D 70 -10.59 13.65 1.65
C TYR D 70 -9.70 12.67 2.37
N THR D 71 -8.38 12.89 2.27
CA THR D 71 -7.41 12.08 2.99
C THR D 71 -7.20 12.56 4.43
N GLY D 72 -7.57 13.80 4.73
CA GLY D 72 -7.54 14.33 6.08
C GLY D 72 -8.28 15.65 6.05
N TYR D 73 -8.46 16.25 7.24
CA TYR D 73 -9.25 17.49 7.30
C TYR D 73 -8.70 18.55 6.37
N PHE D 74 -7.39 18.55 6.14
CA PHE D 74 -6.78 19.54 5.27
C PHE D 74 -5.92 18.87 4.22
N GLY D 75 -6.41 17.75 3.66
CA GLY D 75 -5.67 16.93 2.74
C GLY D 75 -6.18 17.00 1.31
N TYR D 76 -5.80 16.00 0.52
CA TYR D 76 -6.23 15.88 -0.87
C TYR D 76 -7.75 15.83 -0.95
N LYS D 77 -8.31 16.47 -1.96
CA LYS D 77 -9.75 16.42 -2.23
C LYS D 77 -9.97 15.54 -3.47
N MET D 78 -10.76 14.50 -3.31
CA MET D 78 -10.92 13.50 -4.36
C MET D 78 -12.39 13.18 -4.53
N CYS D 79 -12.71 12.50 -5.64
CA CYS D 79 -14.04 11.92 -5.81
C CYS D 79 -13.95 10.77 -6.81
N ALA D 80 -15.09 10.11 -7.02
CA ALA D 80 -15.19 9.01 -7.96
C ALA D 80 -16.14 9.39 -9.08
N ARG D 81 -15.96 8.73 -10.23
CA ARG D 81 -16.81 8.95 -11.39
C ARG D 81 -17.16 7.60 -11.99
N VAL D 82 -18.46 7.35 -12.19
CA VAL D 82 -18.96 6.08 -12.68
C VAL D 82 -19.69 6.31 -14.00
N TYR D 83 -19.58 5.33 -14.89
CA TYR D 83 -20.35 5.27 -16.13
C TYR D 83 -21.21 4.03 -16.03
N LEU D 84 -22.52 4.22 -15.89
CA LEU D 84 -23.39 3.07 -15.71
C LEU D 84 -23.49 2.25 -17.00
N ASN D 85 -23.35 2.88 -18.17
CA ASN D 85 -23.38 2.13 -19.41
C ASN D 85 -21.99 2.00 -20.02
N GLY D 86 -20.95 2.25 -19.25
CA GLY D 86 -19.63 1.95 -19.74
C GLY D 86 -19.03 3.08 -20.55
N ASP D 87 -17.71 3.14 -20.53
CA ASP D 87 -16.94 4.14 -21.24
C ASP D 87 -15.73 3.47 -21.88
N GLY D 88 -15.28 4.05 -23.00
CA GLY D 88 -14.18 3.49 -23.79
C GLY D 88 -14.42 2.05 -24.18
N MET D 89 -13.39 1.23 -23.94
CA MET D 89 -13.42 -0.21 -24.20
C MET D 89 -14.51 -0.95 -23.44
N GLY D 90 -15.22 -0.29 -22.52
CA GLY D 90 -16.31 -0.94 -21.84
C GLY D 90 -17.67 -0.38 -22.23
N LYS D 91 -17.72 0.58 -23.15
CA LYS D 91 -18.99 1.22 -23.47
C LYS D 91 -20.01 0.18 -23.96
N GLY D 92 -21.19 0.19 -23.35
CA GLY D 92 -22.26 -0.69 -23.75
C GLY D 92 -22.21 -2.08 -23.17
N THR D 93 -21.08 -2.52 -22.64
CA THR D 93 -20.98 -3.84 -22.03
C THR D 93 -20.54 -3.84 -20.57
N HIS D 94 -19.93 -2.77 -20.07
CA HIS D 94 -19.40 -2.75 -18.72
C HIS D 94 -19.95 -1.56 -17.94
N LEU D 95 -19.81 -1.64 -16.63
CA LEU D 95 -19.81 -0.47 -15.79
C LEU D 95 -18.35 -0.03 -15.64
N SER D 96 -18.11 1.27 -15.74
CA SER D 96 -16.76 1.83 -15.66
C SER D 96 -16.63 2.73 -14.44
N LEU D 97 -15.52 2.59 -13.73
CA LEU D 97 -15.29 3.25 -12.44
C LEU D 97 -13.96 3.99 -12.49
N PHE D 98 -13.97 5.27 -12.15
CA PHE D 98 -12.78 6.09 -12.25
C PHE D 98 -12.56 6.91 -10.98
N PHE D 99 -11.29 7.20 -10.71
CA PHE D 99 -10.87 7.99 -9.58
C PHE D 99 -10.46 9.38 -10.08
N VAL D 100 -10.81 10.43 -9.33
CA VAL D 100 -10.56 11.81 -9.76
C VAL D 100 -9.88 12.60 -8.63
N ILE D 101 -8.84 13.35 -8.99
CA ILE D 101 -8.24 14.34 -8.11
C ILE D 101 -8.84 15.69 -8.45
N MET D 102 -9.38 16.36 -7.42
CA MET D 102 -9.94 17.70 -7.55
C MET D 102 -8.98 18.73 -7.00
N ARG D 103 -9.13 19.96 -7.48
CA ARG D 103 -8.45 21.09 -6.84
C ARG D 103 -8.92 21.20 -5.40
N GLY D 104 -7.97 21.17 -4.46
CA GLY D 104 -8.29 21.38 -3.06
C GLY D 104 -7.72 22.67 -2.49
N GLU D 105 -8.32 23.15 -1.39
CA GLU D 105 -7.88 24.43 -0.84
C GLU D 105 -6.43 24.41 -0.36
N TYR D 106 -5.87 23.22 -0.12
CA TYR D 106 -4.57 23.09 0.54
C TYR D 106 -3.54 22.44 -0.37
N ASP D 107 -3.79 22.42 -1.69
CA ASP D 107 -2.87 21.82 -2.66
C ASP D 107 -1.43 22.30 -2.49
N ALA D 108 -1.23 23.59 -2.15
CA ALA D 108 0.13 24.11 -2.04
C ALA D 108 0.93 23.52 -0.88
N LEU D 109 0.31 22.75 0.01
CA LEU D 109 1.01 22.13 1.12
C LEU D 109 1.26 20.63 0.92
N LEU D 110 0.89 20.08 -0.24
CA LEU D 110 0.77 18.65 -0.40
C LEU D 110 1.70 18.12 -1.48
N PRO D 111 2.12 16.86 -1.37
CA PRO D 111 3.00 16.27 -2.39
C PRO D 111 2.32 16.16 -3.74
N TRP D 112 3.04 16.59 -4.78
CA TRP D 112 2.63 16.34 -6.14
C TRP D 112 3.80 15.76 -6.94
N PRO D 113 3.56 14.72 -7.76
CA PRO D 113 2.22 14.22 -8.08
C PRO D 113 1.62 13.35 -6.99
N PHE D 114 0.32 13.14 -7.09
CA PHE D 114 -0.36 12.26 -6.15
C PHE D 114 0.12 10.82 -6.37
N LYS D 115 0.50 10.14 -5.29
CA LYS D 115 1.08 8.82 -5.42
C LYS D 115 0.51 7.79 -4.42
N GLN D 116 -0.63 8.06 -3.79
CA GLN D 116 -1.21 7.13 -2.83
C GLN D 116 -1.91 5.97 -3.54
N LYS D 117 -1.85 4.80 -2.93
CA LYS D 117 -2.55 3.64 -3.47
C LYS D 117 -4.07 3.82 -3.36
N VAL D 118 -4.76 3.46 -4.43
CA VAL D 118 -6.21 3.65 -4.58
C VAL D 118 -6.83 2.29 -4.84
N THR D 119 -7.92 1.99 -4.13
CA THR D 119 -8.70 0.78 -4.35
C THR D 119 -10.12 1.14 -4.73
N LEU D 120 -10.51 0.77 -5.96
CA LEU D 120 -11.89 0.88 -6.42
C LEU D 120 -12.66 -0.39 -6.09
N MET D 121 -13.89 -0.25 -5.64
CA MET D 121 -14.69 -1.40 -5.27
C MET D 121 -16.17 -1.21 -5.54
N LEU D 122 -16.84 -2.34 -5.76
CA LEU D 122 -18.28 -2.41 -5.88
C LEU D 122 -18.78 -3.39 -4.84
N MET D 123 -19.52 -2.89 -3.84
CA MET D 123 -19.92 -3.73 -2.72
C MET D 123 -20.99 -4.73 -3.12
N ASP D 124 -20.87 -5.93 -2.56
CA ASP D 124 -21.89 -6.96 -2.67
C ASP D 124 -22.82 -6.82 -1.47
N GLN D 125 -24.08 -6.48 -1.73
CA GLN D 125 -25.09 -6.39 -0.69
C GLN D 125 -25.64 -7.76 -0.27
N GLY D 126 -25.09 -8.86 -0.80
CA GLY D 126 -25.57 -10.18 -0.48
C GLY D 126 -24.83 -10.82 0.68
N SER D 127 -25.37 -11.96 1.13
CA SER D 127 -24.91 -12.58 2.37
C SER D 127 -23.44 -12.99 2.28
N SER D 128 -22.97 -13.33 1.07
CA SER D 128 -21.58 -13.74 0.93
C SER D 128 -20.62 -12.57 1.03
N ARG D 129 -21.07 -11.35 0.68
CA ARG D 129 -20.25 -10.14 0.71
C ARG D 129 -18.96 -10.30 -0.09
N ARG D 130 -19.09 -10.79 -1.33
CA ARG D 130 -17.94 -10.96 -2.22
C ARG D 130 -17.80 -9.69 -3.08
N HIS D 131 -17.18 -8.68 -2.48
CA HIS D 131 -17.07 -7.38 -3.12
C HIS D 131 -16.06 -7.45 -4.26
N LEU D 132 -16.38 -6.77 -5.37
CA LEU D 132 -15.53 -6.68 -6.54
C LEU D 132 -14.55 -5.53 -6.36
N GLY D 133 -13.26 -5.78 -6.59
CA GLY D 133 -12.25 -4.80 -6.29
C GLY D 133 -11.19 -4.68 -7.38
N ASP D 134 -10.32 -3.70 -7.18
CA ASP D 134 -9.16 -3.46 -8.02
C ASP D 134 -8.38 -2.32 -7.40
N ALA D 135 -7.05 -2.43 -7.37
CA ALA D 135 -6.21 -1.39 -6.82
C ALA D 135 -5.10 -1.06 -7.81
N PHE D 136 -4.64 0.18 -7.77
CA PHE D 136 -3.53 0.58 -8.61
C PHE D 136 -2.64 1.56 -7.85
N LYS D 137 -1.42 1.66 -8.32
CA LYS D 137 -0.54 2.73 -7.88
C LYS D 137 -0.50 3.80 -8.93
N PRO D 138 -0.80 5.05 -8.59
CA PRO D 138 -0.81 6.11 -9.62
C PRO D 138 0.51 6.20 -10.36
N ASP D 139 0.42 6.35 -11.67
CA ASP D 139 1.60 6.55 -12.50
C ASP D 139 2.03 8.02 -12.41
N PRO D 140 3.22 8.31 -11.87
CA PRO D 140 3.64 9.70 -11.68
C PRO D 140 3.76 10.51 -12.96
N ASN D 141 3.57 9.88 -14.12
CA ASN D 141 3.61 10.57 -15.40
C ASN D 141 2.23 10.88 -15.95
N SER D 142 1.18 10.26 -15.41
CA SER D 142 -0.16 10.59 -15.85
C SER D 142 -0.49 12.03 -15.46
N SER D 143 -1.01 12.80 -16.41
CA SER D 143 -1.58 14.09 -16.04
C SER D 143 -2.70 13.96 -15.01
N SER D 144 -3.20 12.74 -14.77
CA SER D 144 -4.27 12.51 -13.80
C SER D 144 -3.84 12.80 -12.38
N PHE D 145 -2.54 12.80 -12.10
CA PHE D 145 -2.05 12.96 -10.75
C PHE D 145 -1.19 14.21 -10.58
N LYS D 146 -1.20 15.11 -11.56
CA LYS D 146 -0.53 16.39 -11.41
C LYS D 146 -1.30 17.27 -10.41
N LYS D 147 -0.59 18.27 -9.88
CA LYS D 147 -1.22 19.29 -9.06
C LYS D 147 -2.32 19.97 -9.87
N PRO D 148 -3.58 19.90 -9.44
CA PRO D 148 -4.68 20.39 -10.29
C PRO D 148 -4.54 21.87 -10.66
N THR D 149 -4.86 22.17 -11.92
CA THR D 149 -4.99 23.54 -12.39
C THR D 149 -6.42 23.96 -12.68
N GLY D 150 -7.32 23.00 -12.93
CA GLY D 150 -8.74 23.25 -12.99
C GLY D 150 -9.45 22.58 -11.81
N GLU D 151 -10.78 22.62 -11.85
CA GLU D 151 -11.58 22.00 -10.79
C GLU D 151 -11.21 20.52 -10.62
N MET D 152 -11.14 19.76 -11.73
CA MET D 152 -10.82 18.34 -11.68
C MET D 152 -9.76 17.96 -12.71
N ASN D 153 -8.84 17.09 -12.32
CA ASN D 153 -7.91 16.46 -13.24
C ASN D 153 -8.62 15.40 -14.10
N ILE D 154 -7.93 14.92 -15.14
CA ILE D 154 -8.53 13.86 -15.96
C ILE D 154 -8.73 12.61 -15.11
N ALA D 155 -9.92 12.01 -15.20
CA ALA D 155 -10.21 10.82 -14.42
C ALA D 155 -9.31 9.66 -14.85
N SER D 156 -9.05 8.76 -13.91
CA SER D 156 -8.18 7.61 -14.16
C SER D 156 -8.73 6.40 -13.42
N GLY D 157 -8.91 5.30 -14.14
CA GLY D 157 -9.33 4.08 -13.48
C GLY D 157 -9.49 2.84 -14.35
N CYS D 158 -10.72 2.31 -14.38
CA CYS D 158 -10.99 0.98 -14.92
C CYS D 158 -12.16 1.03 -15.89
N PRO D 159 -11.90 1.17 -17.20
CA PRO D 159 -13.00 1.19 -18.16
C PRO D 159 -13.79 -0.10 -18.21
N VAL D 160 -13.15 -1.25 -17.89
CA VAL D 160 -13.86 -2.53 -17.95
C VAL D 160 -13.93 -3.14 -16.55
N PHE D 161 -14.50 -2.40 -15.60
CA PHE D 161 -14.42 -2.79 -14.20
C PHE D 161 -15.22 -4.06 -13.93
N VAL D 162 -16.47 -4.08 -14.35
CA VAL D 162 -17.34 -5.24 -14.15
C VAL D 162 -18.28 -5.33 -15.34
N ALA D 163 -18.41 -6.53 -15.90
CA ALA D 163 -19.34 -6.71 -17.02
C ALA D 163 -20.77 -6.44 -16.55
N GLN D 164 -21.56 -5.82 -17.43
CA GLN D 164 -22.91 -5.43 -17.04
C GLN D 164 -23.75 -6.65 -16.67
N THR D 165 -23.59 -7.76 -17.41
CA THR D 165 -24.32 -8.98 -17.08
C THR D 165 -23.95 -9.48 -15.68
N VAL D 166 -22.67 -9.51 -15.34
CA VAL D 166 -22.27 -9.94 -13.99
C VAL D 166 -22.94 -9.06 -12.94
N LEU D 167 -22.87 -7.74 -13.13
CA LEU D 167 -23.50 -6.79 -12.23
C LEU D 167 -24.98 -7.11 -11.97
N GLU D 168 -25.76 -7.33 -13.02
CA GLU D 168 -27.21 -7.37 -12.86
C GLU D 168 -27.73 -8.73 -12.41
N ASN D 169 -27.10 -9.82 -12.83
CA ASN D 169 -27.44 -11.16 -12.38
C ASN D 169 -26.73 -11.55 -11.10
N GLY D 170 -26.14 -10.59 -10.40
CA GLY D 170 -25.59 -10.81 -9.08
C GLY D 170 -26.45 -10.16 -8.01
N THR D 171 -25.91 -10.16 -6.80
CA THR D 171 -26.53 -9.47 -5.67
C THR D 171 -25.84 -8.15 -5.36
N TYR D 172 -25.37 -7.43 -6.40
CA TYR D 172 -24.85 -6.08 -6.18
C TYR D 172 -25.98 -5.04 -6.18
N ILE D 173 -27.09 -5.32 -6.85
CA ILE D 173 -28.22 -4.42 -6.92
C ILE D 173 -29.32 -4.96 -6.02
N LYS D 174 -29.52 -4.31 -4.88
CA LYS D 174 -30.63 -4.60 -3.98
C LYS D 174 -31.43 -3.32 -3.79
N ASP D 175 -32.75 -3.42 -3.97
CA ASP D 175 -33.64 -2.26 -3.87
C ASP D 175 -33.23 -1.12 -4.81
N ASP D 176 -32.79 -1.48 -6.02
CA ASP D 176 -32.47 -0.51 -7.07
C ASP D 176 -31.32 0.43 -6.69
N THR D 177 -30.37 -0.07 -5.89
CA THR D 177 -29.31 0.74 -5.28
C THR D 177 -28.00 -0.01 -5.38
N ILE D 178 -26.93 0.68 -5.80
CA ILE D 178 -25.61 0.08 -5.69
C ILE D 178 -24.74 0.98 -4.83
N PHE D 179 -23.64 0.41 -4.35
CA PHE D 179 -22.72 1.08 -3.46
C PHE D 179 -21.32 0.94 -4.04
N ILE D 180 -20.64 2.06 -4.23
CA ILE D 180 -19.26 2.05 -4.67
C ILE D 180 -18.42 2.55 -3.51
N LYS D 181 -17.30 1.86 -3.26
CA LYS D 181 -16.37 2.20 -2.20
C LYS D 181 -15.03 2.48 -2.84
N VAL D 182 -14.42 3.62 -2.48
CA VAL D 182 -13.05 3.93 -2.87
C VAL D 182 -12.23 4.04 -1.60
N ILE D 183 -11.05 3.42 -1.59
CA ILE D 183 -10.17 3.43 -0.44
C ILE D 183 -8.82 3.99 -0.88
N VAL D 184 -8.42 5.09 -0.25
CA VAL D 184 -7.13 5.72 -0.51
C VAL D 184 -6.24 5.48 0.70
N ASP D 185 -5.04 4.97 0.44
CA ASP D 185 -3.99 4.82 1.44
C ASP D 185 -3.65 6.19 2.06
N THR D 186 -3.97 6.40 3.35
CA THR D 186 -3.58 7.64 4.01
C THR D 186 -2.33 7.49 4.87
N SER D 187 -2.08 6.31 5.42
CA SER D 187 -0.78 6.05 6.03
C SER D 187 0.34 6.44 5.07
N ASP D 188 1.43 6.96 5.62
CA ASP D 188 2.46 7.64 4.81
C ASP D 188 1.83 8.93 4.27
N LEU D 189 1.64 9.97 5.15
CA LEU D 189 1.11 11.34 4.92
C LEU D 189 1.01 12.11 6.24
N PRO D 190 1.11 13.46 6.25
CA PRO D 190 1.03 14.22 7.53
C PRO D 190 -0.22 13.94 8.35
N ASP D 191 -0.04 13.31 9.53
CA ASP D 191 -1.17 12.98 10.41
C ASP D 191 -1.10 13.71 11.76
N THR E 2 -54.29 51.83 -2.02
CA THR E 2 -52.90 52.19 -2.28
C THR E 2 -52.13 52.37 -0.97
N GLY E 3 -52.82 52.90 0.05
CA GLY E 3 -52.28 52.82 1.41
C GLY E 3 -52.03 51.40 1.84
N LEU E 4 -53.01 50.51 1.63
CA LEU E 4 -52.82 49.11 2.02
C LEU E 4 -51.77 48.44 1.15
N LEU E 5 -51.78 48.67 -0.16
CA LEU E 5 -50.78 48.06 -1.03
C LEU E 5 -49.37 48.45 -0.60
N GLU E 6 -49.16 49.76 -0.40
CA GLU E 6 -47.85 50.26 0.03
C GLU E 6 -47.43 49.71 1.39
N SER E 7 -48.38 49.48 2.30
CA SER E 7 -48.05 48.84 3.57
C SER E 7 -47.50 47.43 3.36
N GLN E 8 -48.22 46.61 2.58
CA GLN E 8 -47.76 45.25 2.35
C GLN E 8 -46.43 45.24 1.61
N LEU E 9 -46.26 46.12 0.61
CA LEU E 9 -44.95 46.22 -0.05
C LEU E 9 -43.85 46.50 0.96
N SER E 10 -44.12 47.37 1.93
CA SER E 10 -43.17 47.64 3.01
C SER E 10 -42.90 46.42 3.88
N ARG E 11 -43.95 45.70 4.31
CA ARG E 11 -43.74 44.45 5.07
C ARG E 11 -42.83 43.49 4.29
N HIS E 12 -43.10 43.30 2.99
CA HIS E 12 -42.33 42.32 2.22
C HIS E 12 -40.87 42.75 2.06
N ASP E 13 -40.63 44.04 1.78
CA ASP E 13 -39.26 44.52 1.63
C ASP E 13 -38.46 44.31 2.90
N GLN E 14 -39.11 44.47 4.06
CA GLN E 14 -38.44 44.26 5.33
C GLN E 14 -38.08 42.79 5.53
N MET E 15 -39.04 41.89 5.29
CA MET E 15 -38.76 40.46 5.41
C MET E 15 -37.70 40.01 4.40
N LEU E 16 -37.78 40.50 3.16
CA LEU E 16 -36.71 40.27 2.19
C LEU E 16 -35.34 40.72 2.71
N SER E 17 -35.29 41.85 3.44
CA SER E 17 -34.03 42.30 4.03
C SER E 17 -33.55 41.35 5.12
N VAL E 18 -34.44 40.91 6.01
CA VAL E 18 -34.08 39.93 7.03
C VAL E 18 -33.62 38.62 6.39
N HIS E 19 -34.31 38.16 5.35
CA HIS E 19 -33.90 36.91 4.70
C HIS E 19 -32.52 37.03 4.09
N ASP E 20 -32.16 38.20 3.56
CA ASP E 20 -30.81 38.41 3.04
C ASP E 20 -29.75 38.35 4.12
N ILE E 21 -29.99 38.96 5.29
CA ILE E 21 -29.07 38.79 6.41
C ILE E 21 -28.95 37.30 6.74
N ARG E 22 -30.10 36.62 6.93
CA ARG E 22 -30.09 35.23 7.35
C ARG E 22 -29.35 34.33 6.34
N LEU E 23 -29.55 34.56 5.04
CA LEU E 23 -28.82 33.80 4.03
C LEU E 23 -27.32 34.09 4.08
N ALA E 24 -26.93 35.36 4.29
CA ALA E 24 -25.52 35.69 4.34
C ALA E 24 -24.83 35.10 5.57
N ASP E 25 -25.55 35.02 6.69
CA ASP E 25 -24.96 34.41 7.88
C ASP E 25 -24.86 32.89 7.75
N MET E 26 -25.75 32.26 6.97
CA MET E 26 -25.60 30.83 6.73
C MET E 26 -24.41 30.53 5.82
N ASP E 27 -24.17 31.36 4.80
CA ASP E 27 -22.98 31.18 3.97
C ASP E 27 -21.73 31.19 4.82
N LEU E 28 -21.67 32.08 5.81
CA LEU E 28 -20.54 32.09 6.73
C LEU E 28 -20.52 30.85 7.61
N ARG E 29 -21.68 30.43 8.11
CA ARG E 29 -21.74 29.23 8.96
C ARG E 29 -21.23 27.99 8.22
N PHE E 30 -21.53 27.87 6.92
CA PHE E 30 -21.00 26.78 6.11
C PHE E 30 -19.48 26.78 6.08
N GLN E 31 -18.88 27.94 5.78
CA GLN E 31 -17.42 28.05 5.72
C GLN E 31 -16.74 27.62 7.01
N VAL E 32 -17.32 27.99 8.15
CA VAL E 32 -16.83 27.50 9.45
C VAL E 32 -16.93 25.97 9.51
N LEU E 33 -18.05 25.41 9.07
CA LEU E 33 -18.22 23.96 9.13
C LEU E 33 -17.27 23.23 8.20
N GLU E 34 -17.24 23.61 6.92
CA GLU E 34 -16.39 22.95 5.94
C GLU E 34 -14.89 23.11 6.19
N THR E 35 -14.47 23.89 7.19
CA THR E 35 -13.06 23.98 7.55
C THR E 35 -12.84 23.63 9.02
N ALA E 36 -13.82 23.03 9.67
CA ALA E 36 -13.64 22.60 11.05
C ALA E 36 -12.74 21.37 11.10
N SER E 37 -11.98 21.23 12.17
CA SER E 37 -11.23 20.00 12.37
C SER E 37 -11.27 19.62 13.83
N TYR E 38 -11.32 18.31 14.09
CA TYR E 38 -11.61 17.80 15.43
C TYR E 38 -10.48 16.92 15.98
N ASN E 39 -9.27 17.06 15.44
CA ASN E 39 -8.13 16.26 15.84
C ASN E 39 -6.98 17.11 16.37
N GLY E 40 -7.25 18.36 16.74
CA GLY E 40 -6.25 19.20 17.35
C GLY E 40 -5.25 19.85 16.42
N VAL E 41 -5.47 19.82 15.11
CA VAL E 41 -4.58 20.45 14.13
C VAL E 41 -5.38 21.44 13.32
N LEU E 42 -4.91 22.69 13.28
CA LEU E 42 -5.52 23.74 12.47
C LEU E 42 -4.62 24.07 11.28
N ILE E 43 -5.19 24.08 10.07
CA ILE E 43 -4.56 24.71 8.92
C ILE E 43 -5.40 25.93 8.59
N TRP E 44 -4.78 27.10 8.67
CA TRP E 44 -5.44 28.37 8.41
C TRP E 44 -4.85 28.93 7.13
N LYS E 45 -5.70 29.14 6.14
CA LYS E 45 -5.28 29.71 4.86
C LYS E 45 -5.72 31.18 4.81
N ILE E 46 -4.75 32.08 4.70
CA ILE E 46 -4.99 33.53 4.63
C ILE E 46 -4.71 33.96 3.20
N ARG E 47 -5.75 34.35 2.49
CA ARG E 47 -5.58 34.90 1.15
C ARG E 47 -5.45 36.41 1.21
N ASP E 48 -5.01 36.99 0.09
CA ASP E 48 -4.94 38.44 -0.08
C ASP E 48 -3.90 39.07 0.84
N TYR E 49 -2.75 38.41 1.02
CA TYR E 49 -1.77 38.89 1.99
C TYR E 49 -1.48 40.38 1.82
N LYS E 50 -0.92 40.76 0.66
CA LYS E 50 -0.61 42.16 0.34
C LYS E 50 -1.69 43.15 0.80
N ARG E 51 -2.92 42.93 0.34
CA ARG E 51 -4.01 43.86 0.65
C ARG E 51 -4.37 43.84 2.14
N ARG E 52 -4.29 42.68 2.80
CA ARG E 52 -4.64 42.65 4.22
C ARG E 52 -3.51 43.16 5.10
N LYS E 53 -2.27 42.91 4.70
CA LYS E 53 -1.14 43.53 5.38
C LYS E 53 -1.27 45.06 5.40
N GLN E 54 -1.69 45.63 4.27
CA GLN E 54 -1.86 47.08 4.22
C GLN E 54 -3.04 47.55 5.07
N GLU E 55 -4.10 46.75 5.19
CA GLU E 55 -5.19 47.15 6.07
C GLU E 55 -4.74 47.18 7.54
N ALA E 56 -3.77 46.35 7.91
CA ALA E 56 -3.24 46.39 9.27
C ALA E 56 -2.29 47.55 9.47
N VAL E 57 -1.51 47.90 8.45
CA VAL E 57 -0.65 49.08 8.53
C VAL E 57 -1.48 50.35 8.66
N MET E 58 -2.46 50.53 7.77
CA MET E 58 -3.37 51.66 7.85
C MET E 58 -4.19 51.66 9.12
N GLY E 59 -4.21 50.55 9.86
CA GLY E 59 -4.98 50.47 11.09
C GLY E 59 -6.44 50.13 10.92
N LYS E 60 -6.88 49.78 9.72
CA LYS E 60 -8.27 49.39 9.49
C LYS E 60 -8.58 48.03 10.14
N THR E 61 -7.74 47.03 9.88
CA THR E 61 -7.91 45.68 10.43
C THR E 61 -6.56 45.27 11.01
N LEU E 62 -6.41 45.39 12.33
CA LEU E 62 -5.13 45.05 12.95
C LEU E 62 -4.91 43.54 12.99
N SER E 63 -5.94 42.75 13.28
CA SER E 63 -5.73 41.33 13.52
C SER E 63 -6.82 40.54 12.81
N LEU E 64 -6.54 39.25 12.61
CA LEU E 64 -7.46 38.31 11.99
C LEU E 64 -7.56 37.09 12.88
N TYR E 65 -8.73 36.48 12.89
CA TYR E 65 -8.93 35.21 13.59
C TYR E 65 -9.10 34.09 12.57
N SER E 66 -8.56 32.91 12.90
CA SER E 66 -8.91 31.71 12.16
C SER E 66 -10.31 31.24 12.54
N GLN E 67 -10.83 30.32 11.73
CA GLN E 67 -11.99 29.53 12.13
C GLN E 67 -11.63 28.75 13.39
N PRO E 68 -12.63 28.31 14.16
CA PRO E 68 -12.31 27.47 15.32
C PRO E 68 -11.88 26.08 14.88
N PHE E 69 -11.10 25.41 15.74
CA PHE E 69 -10.80 23.99 15.59
C PHE E 69 -10.81 23.39 16.98
N TYR E 70 -10.81 22.05 17.04
CA TYR E 70 -11.08 21.36 18.30
C TYR E 70 -10.08 20.24 18.57
N THR E 71 -10.04 19.84 19.85
CA THR E 71 -9.25 18.69 20.27
C THR E 71 -9.98 17.37 20.06
N GLY E 72 -11.31 17.41 20.01
CA GLY E 72 -12.12 16.25 19.72
C GLY E 72 -13.53 16.74 19.48
N TYR E 73 -14.42 15.79 19.14
CA TYR E 73 -15.79 16.17 18.80
C TYR E 73 -16.46 16.98 19.92
N PHE E 74 -16.15 16.70 21.17
CA PHE E 74 -16.72 17.48 22.28
C PHE E 74 -15.62 17.96 23.21
N GLY E 75 -14.59 18.57 22.62
CA GLY E 75 -13.40 18.97 23.33
C GLY E 75 -13.22 20.47 23.41
N TYR E 76 -12.00 20.88 23.70
CA TYR E 76 -11.70 22.31 23.77
C TYR E 76 -11.97 22.95 22.42
N LYS E 77 -12.53 24.14 22.44
CA LYS E 77 -12.66 24.98 21.26
C LYS E 77 -11.53 26.00 21.27
N MET E 78 -10.81 26.14 20.14
CA MET E 78 -9.67 27.04 20.07
C MET E 78 -9.68 27.79 18.75
N CYS E 79 -8.73 28.71 18.60
CA CYS E 79 -8.51 29.38 17.32
C CYS E 79 -7.18 30.13 17.38
N ALA E 80 -6.83 30.74 16.27
CA ALA E 80 -5.60 31.51 16.17
C ALA E 80 -5.92 32.95 15.84
N ARG E 81 -5.01 33.83 16.25
CA ARG E 81 -5.06 35.26 15.96
C ARG E 81 -3.70 35.68 15.41
N VAL E 82 -3.72 36.35 14.26
CA VAL E 82 -2.50 36.85 13.64
C VAL E 82 -2.58 38.37 13.53
N TYR E 83 -1.41 39.01 13.59
CA TYR E 83 -1.25 40.43 13.28
C TYR E 83 -0.26 40.52 12.14
N LEU E 84 -0.75 40.82 10.95
CA LEU E 84 0.11 40.89 9.79
C LEU E 84 1.15 42.00 9.91
N ASN E 85 0.86 43.03 10.71
CA ASN E 85 1.79 44.12 10.95
C ASN E 85 2.38 44.08 12.37
N GLY E 86 2.07 43.03 13.13
CA GLY E 86 2.67 42.83 14.43
C GLY E 86 1.98 43.59 15.55
N ASP E 87 2.29 43.15 16.77
CA ASP E 87 1.67 43.58 18.00
C ASP E 87 2.73 43.57 19.09
N GLY E 88 2.49 44.38 20.13
CA GLY E 88 3.42 44.46 21.26
C GLY E 88 4.82 44.85 20.79
N MET E 89 5.80 44.13 21.31
CA MET E 89 7.20 44.34 20.97
C MET E 89 7.53 44.00 19.51
N GLY E 90 6.56 43.58 18.70
CA GLY E 90 6.83 43.28 17.30
C GLY E 90 6.07 44.16 16.31
N LYS E 91 5.36 45.17 16.81
CA LYS E 91 4.57 46.00 15.91
C LYS E 91 5.47 46.72 14.90
N GLY E 92 5.09 46.67 13.62
CA GLY E 92 5.80 47.35 12.57
C GLY E 92 7.01 46.63 12.02
N THR E 93 7.58 45.69 12.78
CA THR E 93 8.75 44.96 12.32
C THR E 93 8.53 43.45 12.13
N HIS E 94 7.44 42.90 12.69
CA HIS E 94 7.22 41.46 12.76
C HIS E 94 5.79 41.09 12.39
N LEU E 95 5.61 39.80 12.13
CA LEU E 95 4.31 39.16 12.16
C LEU E 95 4.17 38.49 13.53
N SER E 96 3.00 38.67 14.15
CA SER E 96 2.74 38.17 15.50
C SER E 96 1.63 37.13 15.46
N LEU E 97 1.85 35.99 16.12
CA LEU E 97 0.95 34.85 16.03
C LEU E 97 0.57 34.36 17.42
N PHE E 98 -0.73 34.22 17.67
CA PHE E 98 -1.25 33.93 19.01
C PHE E 98 -2.27 32.78 18.99
N PHE E 99 -2.38 32.15 20.16
CA PHE E 99 -3.31 31.05 20.42
C PHE E 99 -4.43 31.52 21.36
N VAL E 100 -5.67 31.14 21.06
CA VAL E 100 -6.84 31.62 21.80
C VAL E 100 -7.68 30.43 22.26
N ILE E 101 -7.98 30.38 23.55
CA ILE E 101 -8.98 29.47 24.07
C ILE E 101 -10.33 30.16 24.01
N MET E 102 -11.32 29.50 23.43
CA MET E 102 -12.68 30.02 23.40
C MET E 102 -13.59 29.18 24.28
N ARG E 103 -14.73 29.77 24.60
CA ARG E 103 -15.73 29.05 25.39
C ARG E 103 -16.37 27.98 24.51
N GLY E 104 -16.21 26.72 24.91
CA GLY E 104 -16.80 25.61 24.21
C GLY E 104 -18.04 25.09 24.91
N GLU E 105 -18.89 24.41 24.15
CA GLU E 105 -20.16 23.96 24.70
C GLU E 105 -19.98 22.96 25.83
N TYR E 106 -18.81 22.33 25.90
CA TYR E 106 -18.57 21.23 26.82
C TYR E 106 -17.50 21.58 27.85
N ASP E 107 -17.33 22.87 28.13
CA ASP E 107 -16.30 23.32 29.06
C ASP E 107 -16.52 22.76 30.47
N ALA E 108 -17.77 22.61 30.90
CA ALA E 108 -18.02 22.02 32.22
C ALA E 108 -17.52 20.58 32.34
N LEU E 109 -17.13 19.92 31.24
CA LEU E 109 -16.65 18.53 31.25
C LEU E 109 -15.15 18.39 31.06
N LEU E 110 -14.40 19.50 30.94
CA LEU E 110 -13.00 19.43 30.52
C LEU E 110 -12.05 19.89 31.63
N PRO E 111 -10.82 19.38 31.65
CA PRO E 111 -9.85 19.87 32.64
C PRO E 111 -9.51 21.34 32.42
N TRP E 112 -9.51 22.10 33.51
CA TRP E 112 -8.95 23.44 33.55
C TRP E 112 -7.94 23.52 34.69
N PRO E 113 -6.90 24.36 34.56
CA PRO E 113 -6.59 25.16 33.37
C PRO E 113 -6.15 24.29 32.21
N PHE E 114 -6.34 24.80 31.00
CA PHE E 114 -5.89 24.11 29.79
C PHE E 114 -4.38 23.90 29.89
N LYS E 115 -3.93 22.66 29.67
CA LYS E 115 -2.53 22.33 29.88
C LYS E 115 -1.89 21.57 28.70
N GLN E 116 -2.47 21.63 27.50
CA GLN E 116 -1.93 20.90 26.36
C GLN E 116 -0.82 21.67 25.65
N LYS E 117 0.23 20.97 25.25
CA LYS E 117 1.33 21.58 24.52
C LYS E 117 0.82 22.12 23.18
N VAL E 118 1.34 23.28 22.78
CA VAL E 118 0.85 24.00 21.61
C VAL E 118 2.02 24.33 20.70
N THR E 119 1.84 24.15 19.39
CA THR E 119 2.86 24.52 18.42
C THR E 119 2.27 25.46 17.36
N LEU E 120 2.92 26.62 17.19
CA LEU E 120 2.52 27.60 16.19
C LEU E 120 3.51 27.58 15.04
N MET E 121 3.00 27.43 13.82
CA MET E 121 3.84 27.30 12.65
C MET E 121 3.38 28.28 11.58
N LEU E 122 4.34 28.71 10.78
CA LEU E 122 4.04 29.35 9.51
C LEU E 122 4.65 28.47 8.42
N MET E 123 3.81 27.99 7.50
CA MET E 123 4.23 26.97 6.54
C MET E 123 5.16 27.56 5.49
N ASP E 124 6.26 26.85 5.21
CA ASP E 124 7.07 27.11 4.03
C ASP E 124 6.39 26.46 2.83
N GLN E 125 6.00 27.28 1.85
CA GLN E 125 5.40 26.80 0.62
C GLN E 125 6.41 26.47 -0.48
N GLY E 126 7.72 26.67 -0.22
CA GLY E 126 8.75 26.31 -1.18
C GLY E 126 9.23 24.89 -0.99
N SER E 127 10.07 24.43 -1.92
CA SER E 127 10.38 23.01 -1.99
C SER E 127 11.22 22.52 -0.81
N SER E 128 11.87 23.43 -0.07
CA SER E 128 12.63 23.03 1.10
C SER E 128 11.73 22.52 2.23
N ARG E 129 10.49 23.04 2.32
CA ARG E 129 9.56 22.69 3.40
C ARG E 129 10.15 23.08 4.76
N ARG E 130 10.78 24.25 4.83
CA ARG E 130 11.47 24.69 6.04
C ARG E 130 10.55 25.62 6.83
N HIS E 131 9.55 25.00 7.46
CA HIS E 131 8.51 25.72 8.17
C HIS E 131 9.07 26.41 9.41
N LEU E 132 8.49 27.55 9.75
CA LEU E 132 8.87 28.31 10.95
C LEU E 132 8.04 27.84 12.13
N GLY E 133 8.71 27.49 13.23
CA GLY E 133 8.02 26.83 14.31
C GLY E 133 8.39 27.29 15.71
N ASP E 134 7.42 27.26 16.61
CA ASP E 134 7.60 27.63 18.00
C ASP E 134 6.54 26.90 18.80
N ALA E 135 6.93 26.29 19.91
CA ALA E 135 6.02 25.53 20.76
C ALA E 135 6.19 25.97 22.20
N PHE E 136 5.14 25.75 22.99
CA PHE E 136 5.18 26.06 24.41
C PHE E 136 4.24 25.15 25.18
N LYS E 137 4.44 25.11 26.49
CA LYS E 137 3.51 24.52 27.44
C LYS E 137 2.77 25.65 28.14
N PRO E 138 1.43 25.63 28.17
CA PRO E 138 0.70 26.73 28.81
C PRO E 138 1.07 26.87 30.28
N ASP E 139 1.12 28.12 30.75
CA ASP E 139 1.44 28.41 32.15
C ASP E 139 0.18 28.31 33.00
N PRO E 140 0.12 27.38 33.97
CA PRO E 140 -1.12 27.22 34.75
C PRO E 140 -1.58 28.47 35.47
N ASN E 141 -0.70 29.45 35.69
CA ASN E 141 -1.15 30.68 36.33
C ASN E 141 -1.82 31.63 35.35
N SER E 142 -1.50 31.52 34.06
CA SER E 142 -1.91 32.55 33.11
C SER E 142 -3.42 32.59 32.94
N SER E 143 -3.98 33.79 32.95
CA SER E 143 -5.40 33.93 32.67
C SER E 143 -5.79 33.41 31.29
N SER E 144 -4.81 33.19 30.41
CA SER E 144 -5.06 32.74 29.05
C SER E 144 -5.60 31.33 28.98
N PHE E 145 -5.55 30.60 30.08
CA PHE E 145 -5.92 29.19 30.09
C PHE E 145 -6.95 28.87 31.16
N LYS E 146 -7.59 29.86 31.76
CA LYS E 146 -8.69 29.68 32.71
C LYS E 146 -9.94 29.24 31.97
N LYS E 147 -10.88 28.70 32.73
CA LYS E 147 -12.16 28.33 32.13
C LYS E 147 -12.79 29.59 31.54
N PRO E 148 -13.04 29.64 30.24
CA PRO E 148 -13.59 30.86 29.63
C PRO E 148 -14.84 31.33 30.35
N THR E 149 -14.90 32.62 30.60
CA THR E 149 -16.13 33.31 30.99
C THR E 149 -16.71 34.08 29.82
N GLY E 150 -15.87 34.80 29.06
CA GLY E 150 -16.32 35.44 27.85
C GLY E 150 -16.23 34.51 26.67
N GLU E 151 -16.57 35.04 25.50
CA GLU E 151 -16.46 34.24 24.29
C GLU E 151 -15.04 33.71 24.09
N MET E 152 -14.03 34.52 24.42
CA MET E 152 -12.64 34.13 24.25
C MET E 152 -11.81 34.65 25.43
N ASN E 153 -10.73 33.93 25.71
CA ASN E 153 -9.70 34.34 26.67
C ASN E 153 -8.67 35.26 26.01
N ILE E 154 -7.83 35.87 26.86
CA ILE E 154 -6.71 36.68 26.39
C ILE E 154 -5.83 35.81 25.49
N ALA E 155 -5.54 36.29 24.28
CA ALA E 155 -4.66 35.52 23.39
C ALA E 155 -3.28 35.40 24.00
N SER E 156 -2.57 34.36 23.59
CA SER E 156 -1.27 34.07 24.17
C SER E 156 -0.44 33.42 23.08
N GLY E 157 0.75 33.97 22.81
CA GLY E 157 1.56 33.46 21.73
C GLY E 157 2.93 34.10 21.60
N CYS E 158 3.25 34.62 20.41
CA CYS E 158 4.59 35.08 20.08
C CYS E 158 4.52 36.42 19.36
N PRO E 159 4.72 37.54 20.07
CA PRO E 159 4.73 38.85 19.38
C PRO E 159 5.82 38.98 18.33
N VAL E 160 6.97 38.36 18.56
CA VAL E 160 8.08 38.49 17.61
C VAL E 160 8.27 37.15 16.93
N PHE E 161 7.18 36.60 16.38
CA PHE E 161 7.23 35.26 15.77
C PHE E 161 8.23 35.21 14.63
N VAL E 162 8.03 36.03 13.60
CA VAL E 162 8.91 36.09 12.44
C VAL E 162 9.01 37.54 11.99
N ALA E 163 10.23 37.94 11.60
CA ALA E 163 10.44 39.30 11.12
C ALA E 163 9.81 39.47 9.75
N GLN E 164 9.18 40.63 9.53
CA GLN E 164 8.50 40.86 8.26
C GLN E 164 9.43 40.61 7.08
N THR E 165 10.65 41.15 7.12
CA THR E 165 11.58 41.05 5.99
C THR E 165 11.87 39.59 5.65
N VAL E 166 12.18 38.78 6.66
CA VAL E 166 12.28 37.33 6.45
C VAL E 166 11.04 36.81 5.71
N LEU E 167 9.87 37.00 6.33
CA LEU E 167 8.63 36.43 5.83
C LEU E 167 8.38 36.76 4.36
N GLU E 168 8.72 37.98 3.94
CA GLU E 168 8.40 38.41 2.59
C GLU E 168 9.53 38.18 1.61
N ASN E 169 10.74 37.88 2.09
CA ASN E 169 11.86 37.55 1.21
C ASN E 169 12.02 36.06 1.00
N GLY E 170 11.38 35.24 1.83
CA GLY E 170 11.43 33.80 1.67
C GLY E 170 10.35 33.28 0.75
N THR E 171 10.14 31.97 0.81
CA THR E 171 9.13 31.31 0.00
C THR E 171 7.90 30.91 0.82
N TYR E 172 7.58 31.71 1.86
CA TYR E 172 6.37 31.49 2.65
C TYR E 172 5.13 32.09 1.99
N ILE E 173 5.25 33.19 1.24
CA ILE E 173 4.14 33.68 0.43
C ILE E 173 4.26 33.06 -0.96
N LYS E 174 3.16 32.46 -1.42
CA LYS E 174 2.98 32.07 -2.81
C LYS E 174 1.53 32.38 -3.15
N ASP E 175 1.28 32.89 -4.35
CA ASP E 175 -0.07 33.29 -4.78
C ASP E 175 -0.73 34.20 -3.74
N ASP E 176 0.06 35.14 -3.19
CA ASP E 176 -0.47 36.15 -2.26
C ASP E 176 -1.18 35.50 -1.07
N THR E 177 -0.58 34.47 -0.48
CA THR E 177 -1.27 33.56 0.41
C THR E 177 -0.29 32.96 1.41
N ILE E 178 -0.59 33.03 2.70
CA ILE E 178 0.21 32.28 3.64
C ILE E 178 -0.68 31.25 4.31
N PHE E 179 -0.05 30.24 4.88
CA PHE E 179 -0.72 29.19 5.64
C PHE E 179 -0.17 29.18 7.05
N ILE E 180 -1.07 29.12 8.03
CA ILE E 180 -0.71 28.97 9.44
C ILE E 180 -1.15 27.59 9.91
N LYS E 181 -0.25 26.86 10.57
CA LYS E 181 -0.59 25.61 11.22
C LYS E 181 -0.45 25.77 12.74
N VAL E 182 -1.44 25.25 13.47
CA VAL E 182 -1.38 25.11 14.93
C VAL E 182 -1.55 23.65 15.28
N ILE E 183 -0.68 23.13 16.15
CA ILE E 183 -0.78 21.77 16.63
C ILE E 183 -0.93 21.78 18.14
N VAL E 184 -2.10 21.34 18.61
CA VAL E 184 -2.35 21.11 20.04
C VAL E 184 -2.20 19.61 20.30
N ASP E 185 -1.25 19.26 21.15
CA ASP E 185 -1.08 17.87 21.59
C ASP E 185 -2.34 17.36 22.29
N THR E 186 -2.84 16.20 21.85
CA THR E 186 -4.06 15.60 22.39
C THR E 186 -3.85 14.27 23.10
N SER E 187 -2.64 13.70 23.04
CA SER E 187 -2.43 12.32 23.45
C SER E 187 -2.86 12.05 24.90
N ASP E 188 -2.91 13.08 25.76
CA ASP E 188 -3.42 12.97 27.12
C ASP E 188 -4.74 13.74 27.17
N LEU E 189 -5.88 13.01 27.06
CA LEU E 189 -7.24 13.54 27.16
C LEU E 189 -8.24 12.38 27.03
N PRO E 190 -9.55 12.60 27.31
CA PRO E 190 -10.54 11.52 27.10
C PRO E 190 -10.58 11.06 25.65
N ASP E 191 -10.24 9.78 25.44
CA ASP E 191 -10.22 9.20 24.09
C ASP E 191 -11.16 7.99 23.98
N THR F 2 -55.71 46.52 -9.51
CA THR F 2 -55.76 46.38 -8.05
C THR F 2 -55.99 44.91 -7.64
N GLY F 3 -56.86 44.21 -8.39
CA GLY F 3 -56.96 42.76 -8.24
C GLY F 3 -55.67 42.05 -8.60
N LEU F 4 -55.04 42.45 -9.71
CA LEU F 4 -53.76 41.86 -10.06
C LEU F 4 -52.69 42.20 -9.04
N LEU F 5 -52.65 43.46 -8.57
CA LEU F 5 -51.67 43.80 -7.55
C LEU F 5 -51.85 42.92 -6.32
N GLU F 6 -53.11 42.78 -5.88
CA GLU F 6 -53.40 41.95 -4.72
C GLU F 6 -53.02 40.49 -4.92
N SER F 7 -53.29 39.94 -6.13
CA SER F 7 -52.86 38.57 -6.43
C SER F 7 -51.36 38.40 -6.23
N GLN F 8 -50.57 39.32 -6.79
CA GLN F 8 -49.12 39.19 -6.72
C GLN F 8 -48.63 39.34 -5.27
N LEU F 9 -49.14 40.34 -4.54
CA LEU F 9 -48.77 40.45 -3.12
C LEU F 9 -49.08 39.17 -2.34
N SER F 10 -50.21 38.53 -2.66
CA SER F 10 -50.57 37.29 -1.99
C SER F 10 -49.60 36.16 -2.36
N ARG F 11 -49.21 36.06 -3.64
CA ARG F 11 -48.19 35.10 -4.02
C ARG F 11 -46.87 35.35 -3.30
N HIS F 12 -46.43 36.61 -3.28
CA HIS F 12 -45.17 36.92 -2.59
C HIS F 12 -45.26 36.59 -1.11
N ASP F 13 -46.40 36.90 -0.49
CA ASP F 13 -46.56 36.56 0.92
C ASP F 13 -46.47 35.06 1.16
N GLN F 14 -47.08 34.26 0.29
CA GLN F 14 -46.99 32.81 0.40
C GLN F 14 -45.56 32.33 0.27
N MET F 15 -44.85 32.81 -0.76
CA MET F 15 -43.46 32.39 -0.95
C MET F 15 -42.56 32.87 0.18
N LEU F 16 -42.84 34.06 0.74
CA LEU F 16 -42.11 34.49 1.93
C LEU F 16 -42.32 33.53 3.09
N SER F 17 -43.55 33.01 3.25
CA SER F 17 -43.82 32.06 4.32
C SER F 17 -43.00 30.80 4.15
N VAL F 18 -43.03 30.21 2.95
CA VAL F 18 -42.22 29.03 2.66
C VAL F 18 -40.75 29.28 2.96
N HIS F 19 -40.22 30.43 2.56
CA HIS F 19 -38.80 30.71 2.79
C HIS F 19 -38.46 30.77 4.28
N ASP F 20 -39.33 31.41 5.07
CA ASP F 20 -39.15 31.42 6.54
C ASP F 20 -39.11 30.01 7.11
N ILE F 21 -39.94 29.10 6.58
CA ILE F 21 -39.92 27.72 7.08
C ILE F 21 -38.64 27.02 6.66
N ARG F 22 -38.27 27.11 5.37
CA ARG F 22 -37.02 26.50 4.91
C ARG F 22 -35.81 27.03 5.69
N LEU F 23 -35.74 28.35 5.91
CA LEU F 23 -34.66 28.92 6.71
C LEU F 23 -34.65 28.34 8.12
N ALA F 24 -35.84 28.21 8.73
CA ALA F 24 -35.93 27.68 10.08
C ALA F 24 -35.42 26.24 10.12
N ASP F 25 -35.83 25.42 9.14
CA ASP F 25 -35.37 24.03 9.10
C ASP F 25 -33.89 23.92 8.79
N MET F 26 -33.30 24.94 8.18
CA MET F 26 -31.85 24.91 7.98
C MET F 26 -31.10 25.22 9.25
N ASP F 27 -31.57 26.19 10.03
CA ASP F 27 -31.02 26.41 11.37
C ASP F 27 -30.92 25.10 12.14
N LEU F 28 -31.94 24.24 12.06
CA LEU F 28 -31.93 22.97 12.79
C LEU F 28 -30.90 22.00 12.20
N ARG F 29 -30.94 21.82 10.88
CA ARG F 29 -29.93 21.01 10.20
C ARG F 29 -28.51 21.41 10.60
N PHE F 30 -28.22 22.73 10.60
CA PHE F 30 -26.90 23.22 11.04
C PHE F 30 -26.54 22.70 12.43
N GLN F 31 -27.50 22.72 13.35
CA GLN F 31 -27.26 22.27 14.72
C GLN F 31 -26.98 20.78 14.78
N VAL F 32 -27.78 19.98 14.09
CA VAL F 32 -27.49 18.54 13.94
C VAL F 32 -26.08 18.32 13.39
N LEU F 33 -25.70 19.06 12.34
CA LEU F 33 -24.38 18.88 11.76
C LEU F 33 -23.29 19.35 12.70
N GLU F 34 -23.50 20.48 13.38
CA GLU F 34 -22.49 21.04 14.27
C GLU F 34 -22.22 20.15 15.48
N THR F 35 -23.11 19.20 15.81
CA THR F 35 -22.88 18.34 16.98
C THR F 35 -22.76 16.87 16.61
N ALA F 36 -22.73 16.54 15.33
CA ALA F 36 -22.55 15.14 14.93
C ALA F 36 -21.18 14.63 15.37
N SER F 37 -21.10 13.31 15.58
CA SER F 37 -19.83 12.68 15.88
C SER F 37 -19.79 11.30 15.22
N TYR F 38 -18.58 10.84 14.88
CA TYR F 38 -18.43 9.67 14.01
C TYR F 38 -17.49 8.61 14.57
N ASN F 39 -17.09 8.74 15.83
CA ASN F 39 -16.29 7.75 16.54
C ASN F 39 -17.12 6.93 17.53
N GLY F 40 -18.44 7.07 17.49
CA GLY F 40 -19.26 6.25 18.35
C GLY F 40 -19.45 6.77 19.76
N VAL F 41 -19.09 8.02 20.04
CA VAL F 41 -19.28 8.59 21.37
C VAL F 41 -20.20 9.79 21.23
N LEU F 42 -21.25 9.82 22.05
CA LEU F 42 -22.21 10.93 22.06
C LEU F 42 -22.07 11.67 23.39
N ILE F 43 -21.83 12.97 23.33
CA ILE F 43 -22.01 13.87 24.47
C ILE F 43 -23.27 14.67 24.18
N TRP F 44 -24.30 14.48 25.00
CA TRP F 44 -25.58 15.15 24.79
C TRP F 44 -25.77 16.18 25.91
N LYS F 45 -25.94 17.44 25.54
CA LYS F 45 -26.05 18.52 26.50
C LYS F 45 -27.50 18.99 26.56
N ILE F 46 -28.13 18.86 27.74
CA ILE F 46 -29.53 19.22 27.93
C ILE F 46 -29.59 20.43 28.86
N ARG F 47 -30.18 21.53 28.37
CA ARG F 47 -29.88 22.87 28.88
C ARG F 47 -30.90 23.46 29.84
N ASP F 48 -32.17 23.10 29.78
CA ASP F 48 -33.17 23.81 30.58
C ASP F 48 -33.87 22.82 31.51
N TYR F 49 -33.13 22.23 32.44
CA TYR F 49 -33.62 21.04 33.14
C TYR F 49 -34.91 21.33 33.91
N LYS F 50 -34.91 22.38 34.75
CA LYS F 50 -36.07 22.66 35.59
C LYS F 50 -37.32 22.87 34.75
N ARG F 51 -37.20 23.66 33.69
CA ARG F 51 -38.36 23.90 32.83
C ARG F 51 -38.74 22.64 32.05
N ARG F 52 -37.75 21.83 31.63
CA ARG F 52 -38.06 20.62 30.88
C ARG F 52 -38.57 19.50 31.78
N LYS F 53 -37.92 19.29 32.93
CA LYS F 53 -38.43 18.32 33.89
C LYS F 53 -39.89 18.61 34.21
N GLN F 54 -40.25 19.89 34.32
CA GLN F 54 -41.62 20.26 34.59
C GLN F 54 -42.51 20.04 33.38
N GLU F 55 -41.96 20.16 32.17
CA GLU F 55 -42.75 19.89 30.98
C GLU F 55 -43.09 18.41 30.85
N ALA F 56 -42.24 17.53 31.39
CA ALA F 56 -42.54 16.10 31.37
C ALA F 56 -43.57 15.71 32.42
N VAL F 57 -43.57 16.42 33.56
CA VAL F 57 -44.58 16.20 34.60
C VAL F 57 -45.97 16.54 34.09
N MET F 58 -46.13 17.70 33.46
CA MET F 58 -47.41 18.05 32.87
C MET F 58 -47.76 17.20 31.66
N GLY F 59 -46.90 16.27 31.26
CA GLY F 59 -47.15 15.49 30.06
C GLY F 59 -47.12 16.29 28.78
N LYS F 60 -46.54 17.49 28.79
CA LYS F 60 -46.41 18.24 27.55
C LYS F 60 -45.28 17.70 26.69
N THR F 61 -44.12 17.40 27.30
CA THR F 61 -43.01 16.74 26.61
C THR F 61 -42.48 15.61 27.50
N LEU F 62 -42.98 14.38 27.26
CA LEU F 62 -42.56 13.24 28.06
C LEU F 62 -41.09 12.86 27.82
N SER F 63 -40.60 12.95 26.58
CA SER F 63 -39.24 12.50 26.29
C SER F 63 -38.53 13.47 25.36
N LEU F 64 -37.20 13.39 25.35
CA LEU F 64 -36.35 14.16 24.48
C LEU F 64 -35.39 13.22 23.75
N TYR F 65 -35.05 13.59 22.51
CA TYR F 65 -34.12 12.83 21.69
C TYR F 65 -32.81 13.59 21.55
N SER F 66 -31.69 12.87 21.64
CA SER F 66 -30.41 13.46 21.31
C SER F 66 -30.32 13.69 19.80
N GLN F 67 -29.31 14.47 19.40
CA GLN F 67 -28.92 14.47 17.99
C GLN F 67 -28.34 13.09 17.62
N PRO F 68 -28.30 12.74 16.34
CA PRO F 68 -27.72 11.45 15.95
C PRO F 68 -26.21 11.43 16.10
N PHE F 69 -25.68 10.23 16.37
CA PHE F 69 -24.25 9.98 16.33
C PHE F 69 -24.02 8.65 15.64
N TYR F 70 -22.76 8.40 15.28
CA TYR F 70 -22.39 7.34 14.35
C TYR F 70 -21.16 6.60 14.86
N THR F 71 -21.04 5.34 14.44
CA THR F 71 -19.85 4.54 14.71
C THR F 71 -18.75 4.77 13.69
N GLY F 72 -19.07 5.32 12.53
CA GLY F 72 -18.06 5.79 11.59
C GLY F 72 -18.74 6.71 10.59
N TYR F 73 -17.95 7.22 9.64
CA TYR F 73 -18.53 8.09 8.61
C TYR F 73 -19.68 7.44 7.87
N PHE F 74 -19.66 6.12 7.71
CA PHE F 74 -20.72 5.44 6.98
C PHE F 74 -21.28 4.28 7.78
N GLY F 75 -21.23 4.38 9.10
CA GLY F 75 -21.62 3.31 9.98
C GLY F 75 -23.03 3.48 10.50
N TYR F 76 -23.32 2.74 11.57
CA TYR F 76 -24.63 2.77 12.22
C TYR F 76 -25.00 4.18 12.61
N LYS F 77 -26.28 4.50 12.48
CA LYS F 77 -26.85 5.76 12.95
C LYS F 77 -27.66 5.46 14.21
N MET F 78 -27.33 6.16 15.29
CA MET F 78 -27.98 5.94 16.58
C MET F 78 -28.27 7.26 17.28
N CYS F 79 -29.14 7.19 18.30
CA CYS F 79 -29.39 8.34 19.15
C CYS F 79 -29.84 7.88 20.53
N ALA F 80 -29.99 8.83 21.43
CA ALA F 80 -30.38 8.56 22.80
C ALA F 80 -31.76 9.17 23.09
N ARG F 81 -32.49 8.53 24.00
CA ARG F 81 -33.80 9.00 24.41
C ARG F 81 -33.82 9.10 25.93
N VAL F 82 -34.19 10.26 26.45
CA VAL F 82 -34.25 10.49 27.89
C VAL F 82 -35.69 10.83 28.26
N TYR F 83 -36.12 10.35 29.44
CA TYR F 83 -37.38 10.76 30.07
C TYR F 83 -36.99 11.40 31.40
N LEU F 84 -37.07 12.74 31.46
CA LEU F 84 -36.66 13.47 32.65
C LEU F 84 -37.55 13.20 33.85
N ASN F 85 -38.76 12.69 33.63
CA ASN F 85 -39.64 12.26 34.71
C ASN F 85 -39.90 10.76 34.69
N GLY F 86 -39.07 9.99 34.00
CA GLY F 86 -39.16 8.55 34.04
C GLY F 86 -40.26 7.92 33.19
N ASP F 87 -40.03 6.65 32.87
CA ASP F 87 -40.90 5.88 32.02
C ASP F 87 -40.95 4.46 32.56
N GLY F 88 -42.07 3.76 32.31
CA GLY F 88 -42.19 2.39 32.77
C GLY F 88 -42.11 2.30 34.29
N MET F 89 -41.34 1.34 34.77
CA MET F 89 -41.17 1.11 36.19
C MET F 89 -40.48 2.27 36.92
N GLY F 90 -40.07 3.32 36.21
CA GLY F 90 -39.41 4.46 36.82
C GLY F 90 -40.19 5.76 36.70
N LYS F 91 -41.39 5.71 36.11
CA LYS F 91 -42.17 6.93 35.92
C LYS F 91 -42.39 7.65 37.24
N GLY F 92 -42.10 8.95 37.25
CA GLY F 92 -42.31 9.78 38.43
C GLY F 92 -41.27 9.65 39.53
N THR F 93 -40.42 8.62 39.49
CA THR F 93 -39.40 8.43 40.52
C THR F 93 -37.97 8.51 40.01
N HIS F 94 -37.72 8.09 38.77
CA HIS F 94 -36.38 8.03 38.21
C HIS F 94 -36.28 8.87 36.95
N LEU F 95 -35.03 9.10 36.53
CA LEU F 95 -34.73 9.49 35.15
C LEU F 95 -34.52 8.22 34.34
N SER F 96 -35.22 8.11 33.22
CA SER F 96 -35.09 6.96 32.32
C SER F 96 -34.24 7.35 31.12
N LEU F 97 -33.31 6.47 30.75
CA LEU F 97 -32.36 6.71 29.67
C LEU F 97 -32.30 5.49 28.75
N PHE F 98 -32.42 5.72 27.45
CA PHE F 98 -32.56 4.65 26.46
C PHE F 98 -31.64 4.85 25.24
N PHE F 99 -31.37 3.74 24.56
CA PHE F 99 -30.53 3.71 23.36
C PHE F 99 -31.38 3.35 22.15
N VAL F 100 -31.20 4.07 21.04
CA VAL F 100 -32.08 3.96 19.88
C VAL F 100 -31.23 3.73 18.64
N ILE F 101 -31.54 2.67 17.90
CA ILE F 101 -30.94 2.42 16.60
C ILE F 101 -31.82 3.06 15.54
N MET F 102 -31.22 3.88 14.67
CA MET F 102 -31.99 4.57 13.63
C MET F 102 -31.64 4.02 12.26
N ARG F 103 -32.51 4.33 11.30
CA ARG F 103 -32.30 3.89 9.92
C ARG F 103 -31.16 4.70 9.32
N GLY F 104 -30.05 4.02 9.02
CA GLY F 104 -28.92 4.65 8.37
C GLY F 104 -28.93 4.45 6.87
N GLU F 105 -28.34 5.41 6.16
CA GLU F 105 -28.26 5.36 4.71
C GLU F 105 -27.52 4.13 4.21
N TYR F 106 -26.69 3.53 5.05
CA TYR F 106 -25.78 2.46 4.68
C TYR F 106 -26.08 1.19 5.48
N ASP F 107 -27.34 1.00 5.86
CA ASP F 107 -27.74 -0.16 6.63
C ASP F 107 -27.51 -1.45 5.85
N ALA F 108 -27.69 -1.41 4.52
CA ALA F 108 -27.49 -2.60 3.70
C ALA F 108 -26.03 -3.08 3.68
N LEU F 109 -25.11 -2.39 4.34
CA LEU F 109 -23.71 -2.80 4.39
C LEU F 109 -23.27 -3.22 5.79
N LEU F 110 -24.14 -3.13 6.78
CA LEU F 110 -23.65 -3.35 8.13
C LEU F 110 -24.12 -4.69 8.68
N PRO F 111 -23.34 -5.30 9.59
CA PRO F 111 -23.81 -6.49 10.29
C PRO F 111 -25.12 -6.24 11.02
N TRP F 112 -26.06 -7.16 10.87
CA TRP F 112 -27.26 -7.17 11.68
C TRP F 112 -27.47 -8.55 12.30
N PRO F 113 -28.08 -8.63 13.48
CA PRO F 113 -28.45 -7.51 14.36
C PRO F 113 -27.26 -6.70 14.90
N PHE F 114 -27.55 -5.48 15.32
CA PHE F 114 -26.57 -4.65 16.03
C PHE F 114 -26.10 -5.38 17.29
N LYS F 115 -24.79 -5.56 17.44
CA LYS F 115 -24.27 -6.31 18.57
C LYS F 115 -23.13 -5.61 19.29
N GLN F 116 -22.98 -4.29 19.13
CA GLN F 116 -21.89 -3.58 19.78
C GLN F 116 -22.24 -3.25 21.23
N LYS F 117 -21.23 -3.33 22.11
CA LYS F 117 -21.43 -2.98 23.52
C LYS F 117 -21.74 -1.49 23.66
N VAL F 118 -22.68 -1.17 24.56
CA VAL F 118 -23.23 0.18 24.69
C VAL F 118 -23.15 0.61 26.16
N THR F 119 -22.68 1.83 26.39
CA THR F 119 -22.56 2.36 27.73
C THR F 119 -23.36 3.66 27.83
N LEU F 120 -24.28 3.72 28.80
CA LEU F 120 -25.09 4.90 29.04
C LEU F 120 -24.62 5.58 30.32
N MET F 121 -24.38 6.89 30.26
CA MET F 121 -23.90 7.60 31.42
C MET F 121 -24.57 8.96 31.59
N LEU F 122 -24.52 9.41 32.83
CA LEU F 122 -24.92 10.75 33.23
C LEU F 122 -23.70 11.38 33.88
N MET F 123 -23.26 12.49 33.33
CA MET F 123 -21.98 13.01 33.77
C MET F 123 -22.11 13.84 35.04
N ASP F 124 -21.14 13.63 35.93
CA ASP F 124 -20.96 14.46 37.11
C ASP F 124 -20.21 15.72 36.72
N GLN F 125 -20.88 16.87 36.82
CA GLN F 125 -20.23 18.14 36.57
C GLN F 125 -19.44 18.65 37.77
N GLY F 126 -19.55 17.98 38.94
CA GLY F 126 -18.80 18.39 40.11
C GLY F 126 -17.39 17.84 40.10
N SER F 127 -16.57 18.41 41.01
CA SER F 127 -15.13 18.12 41.03
C SER F 127 -14.81 16.64 41.19
N SER F 128 -15.73 15.86 41.78
CA SER F 128 -15.45 14.44 42.01
C SER F 128 -15.32 13.65 40.72
N ARG F 129 -16.07 14.03 39.67
CA ARG F 129 -16.14 13.27 38.41
C ARG F 129 -16.68 11.86 38.65
N ARG F 130 -17.69 11.76 39.53
CA ARG F 130 -18.29 10.46 39.87
C ARG F 130 -19.51 10.25 38.96
N HIS F 131 -19.22 9.94 37.70
CA HIS F 131 -20.26 9.75 36.71
C HIS F 131 -21.03 8.47 36.98
N LEU F 132 -22.33 8.49 36.65
CA LEU F 132 -23.18 7.31 36.77
C LEU F 132 -23.18 6.55 35.46
N GLY F 133 -22.93 5.26 35.52
CA GLY F 133 -22.75 4.48 34.31
C GLY F 133 -23.48 3.16 34.38
N ASP F 134 -23.70 2.59 33.19
CA ASP F 134 -24.30 1.27 33.02
C ASP F 134 -24.04 0.81 31.59
N ALA F 135 -23.57 -0.43 31.42
CA ALA F 135 -23.32 -1.00 30.10
C ALA F 135 -24.23 -2.19 29.86
N PHE F 136 -24.24 -2.65 28.61
CA PHE F 136 -24.90 -3.90 28.27
C PHE F 136 -24.46 -4.34 26.89
N LYS F 137 -24.55 -5.66 26.67
CA LYS F 137 -24.36 -6.25 25.36
C LYS F 137 -25.73 -6.45 24.74
N PRO F 138 -26.00 -5.97 23.52
CA PRO F 138 -27.35 -6.09 22.97
C PRO F 138 -27.77 -7.54 22.83
N ASP F 139 -29.09 -7.76 22.90
CA ASP F 139 -29.70 -9.08 22.85
C ASP F 139 -30.10 -9.37 21.41
N PRO F 140 -29.50 -10.38 20.75
CA PRO F 140 -29.82 -10.62 19.33
C PRO F 140 -31.30 -10.86 19.05
N ASN F 141 -32.04 -11.41 20.02
CA ASN F 141 -33.47 -11.67 19.83
C ASN F 141 -34.34 -10.46 20.14
N SER F 142 -33.76 -9.31 20.46
CA SER F 142 -34.55 -8.09 20.64
C SER F 142 -34.82 -7.41 19.31
N SER F 143 -36.07 -7.04 19.08
CA SER F 143 -36.38 -6.22 17.92
C SER F 143 -35.72 -4.84 18.00
N SER F 144 -35.21 -4.46 19.17
CA SER F 144 -34.47 -3.20 19.31
C SER F 144 -33.27 -3.16 18.39
N PHE F 145 -32.75 -4.32 17.98
CA PHE F 145 -31.47 -4.40 17.27
C PHE F 145 -31.60 -5.03 15.90
N LYS F 146 -32.84 -5.20 15.40
CA LYS F 146 -33.04 -5.64 14.02
C LYS F 146 -32.63 -4.54 13.06
N LYS F 147 -32.49 -4.91 11.78
CA LYS F 147 -32.27 -3.93 10.75
C LYS F 147 -33.47 -3.00 10.68
N PRO F 148 -33.29 -1.69 10.88
CA PRO F 148 -34.46 -0.81 10.95
C PRO F 148 -35.35 -0.91 9.71
N THR F 149 -36.64 -1.10 9.94
CA THR F 149 -37.68 -0.94 8.93
C THR F 149 -38.35 0.42 8.97
N GLY F 150 -38.36 1.08 10.14
CA GLY F 150 -38.88 2.42 10.28
C GLY F 150 -37.79 3.41 10.60
N GLU F 151 -38.21 4.64 10.87
CA GLU F 151 -37.25 5.69 11.17
C GLU F 151 -36.36 5.30 12.34
N MET F 152 -36.96 4.81 13.43
CA MET F 152 -36.19 4.35 14.58
C MET F 152 -36.77 3.03 15.06
N ASN F 153 -35.89 2.15 15.52
CA ASN F 153 -36.31 0.94 16.23
C ASN F 153 -36.86 1.30 17.61
N ILE F 154 -37.55 0.34 18.25
CA ILE F 154 -37.99 0.53 19.62
C ILE F 154 -36.78 0.72 20.51
N ALA F 155 -36.83 1.73 21.38
CA ALA F 155 -35.74 2.05 22.28
C ALA F 155 -35.44 0.90 23.23
N SER F 156 -34.21 0.87 23.73
CA SER F 156 -33.83 -0.12 24.73
C SER F 156 -32.86 0.52 25.73
N GLY F 157 -33.08 0.28 27.01
CA GLY F 157 -32.13 0.78 27.98
C GLY F 157 -32.46 0.54 29.44
N CYS F 158 -32.64 1.61 30.19
CA CYS F 158 -32.66 1.57 31.65
C CYS F 158 -33.76 2.48 32.19
N PRO F 159 -34.91 1.92 32.55
CA PRO F 159 -36.00 2.77 33.04
C PRO F 159 -35.72 3.35 34.41
N VAL F 160 -34.93 2.66 35.22
CA VAL F 160 -34.61 3.15 36.55
C VAL F 160 -33.13 3.48 36.59
N PHE F 161 -32.68 4.29 35.62
CA PHE F 161 -31.27 4.61 35.49
C PHE F 161 -30.75 5.30 36.75
N VAL F 162 -31.39 6.39 37.16
CA VAL F 162 -31.01 7.12 38.36
C VAL F 162 -32.27 7.69 38.97
N ALA F 163 -32.35 7.68 40.30
CA ALA F 163 -33.53 8.22 40.97
C ALA F 163 -33.50 9.75 40.95
N GLN F 164 -34.68 10.35 40.88
CA GLN F 164 -34.77 11.80 40.77
C GLN F 164 -34.16 12.50 41.98
N THR F 165 -34.37 11.96 43.18
CA THR F 165 -33.76 12.55 44.37
C THR F 165 -32.24 12.55 44.24
N VAL F 166 -31.65 11.40 43.89
CA VAL F 166 -30.20 11.34 43.74
C VAL F 166 -29.72 12.32 42.69
N LEU F 167 -30.43 12.40 41.56
CA LEU F 167 -30.00 13.26 40.46
C LEU F 167 -30.00 14.73 40.86
N GLU F 168 -31.07 15.20 41.50
CA GLU F 168 -31.19 16.63 41.84
C GLU F 168 -30.44 17.02 43.10
N ASN F 169 -30.03 16.05 43.92
CA ASN F 169 -29.33 16.35 45.16
C ASN F 169 -27.82 16.24 45.02
N GLY F 170 -27.33 15.68 43.92
CA GLY F 170 -25.92 15.58 43.65
C GLY F 170 -25.43 16.77 42.86
N THR F 171 -24.24 16.61 42.28
CA THR F 171 -23.61 17.65 41.47
C THR F 171 -23.78 17.43 39.97
N TYR F 172 -24.64 16.48 39.58
CA TYR F 172 -24.88 16.21 38.16
C TYR F 172 -25.49 17.41 37.47
N ILE F 173 -26.36 18.13 38.16
CA ILE F 173 -26.98 19.33 37.61
C ILE F 173 -26.11 20.52 37.98
N LYS F 174 -25.65 21.27 36.98
CA LYS F 174 -24.95 22.53 37.18
C LYS F 174 -25.44 23.52 36.15
N ASP F 175 -25.57 24.79 36.56
CA ASP F 175 -26.22 25.83 35.78
C ASP F 175 -27.42 25.32 34.98
N ASP F 176 -28.26 24.51 35.63
CA ASP F 176 -29.50 23.99 35.05
C ASP F 176 -29.27 23.14 33.78
N THR F 177 -28.18 22.35 33.75
CA THR F 177 -27.74 21.63 32.56
C THR F 177 -27.26 20.24 32.95
N ILE F 178 -27.63 19.23 32.15
CA ILE F 178 -27.08 17.90 32.36
C ILE F 178 -26.40 17.44 31.09
N PHE F 179 -25.50 16.48 31.27
CA PHE F 179 -24.75 15.90 30.16
C PHE F 179 -24.94 14.40 30.21
N ILE F 180 -25.49 13.84 29.16
CA ILE F 180 -25.58 12.40 28.97
C ILE F 180 -24.52 11.99 27.96
N LYS F 181 -23.84 10.89 28.28
CA LYS F 181 -22.81 10.33 27.42
C LYS F 181 -23.19 8.90 27.07
N VAL F 182 -23.03 8.56 25.79
CA VAL F 182 -23.25 7.20 25.29
C VAL F 182 -21.97 6.74 24.61
N ILE F 183 -21.54 5.52 24.94
CA ILE F 183 -20.32 4.96 24.37
C ILE F 183 -20.68 3.62 23.74
N VAL F 184 -20.59 3.57 22.41
CA VAL F 184 -20.78 2.34 21.64
C VAL F 184 -19.40 1.81 21.26
N ASP F 185 -19.15 0.54 21.56
CA ASP F 185 -17.90 -0.09 21.19
C ASP F 185 -17.80 -0.22 19.66
N THR F 186 -16.66 0.21 19.09
CA THR F 186 -16.38 0.04 17.67
C THR F 186 -15.09 -0.72 17.41
N SER F 187 -14.61 -1.50 18.38
CA SER F 187 -13.33 -2.17 18.24
C SER F 187 -13.36 -3.24 17.15
N ASP F 188 -14.50 -3.91 16.95
CA ASP F 188 -14.66 -4.92 15.90
C ASP F 188 -15.72 -4.45 14.90
N LEU F 189 -15.27 -3.92 13.76
CA LEU F 189 -16.04 -3.40 12.64
C LEU F 189 -15.09 -2.95 11.53
N PRO F 190 -15.56 -2.75 10.29
CA PRO F 190 -14.68 -2.23 9.23
C PRO F 190 -14.18 -0.83 9.53
N ASP F 191 -12.86 -0.63 9.41
CA ASP F 191 -12.25 0.68 9.67
C ASP F 191 -11.64 1.30 8.41
N PRO G 1 29.20 -0.69 -35.30
CA PRO G 1 29.57 -1.88 -34.53
C PRO G 1 30.72 -2.66 -35.15
N ILE G 2 31.94 -2.42 -34.66
CA ILE G 2 33.13 -3.12 -35.12
C ILE G 2 33.27 -4.42 -34.32
N GLN G 3 33.95 -5.40 -34.91
CA GLN G 3 34.23 -6.66 -34.23
C GLN G 3 35.55 -6.57 -33.47
N ALA G 4 35.79 -7.54 -32.58
CA ALA G 4 37.06 -7.65 -31.88
C ALA G 4 38.09 -8.32 -32.78
N SER G 5 39.37 -8.07 -32.47
CA SER G 5 40.49 -8.47 -33.33
C SER G 5 40.66 -10.01 -33.50
N PRO H 1 9.69 4.39 13.49
CA PRO H 1 10.41 3.11 13.64
C PRO H 1 11.63 3.22 14.56
N ILE H 2 11.84 2.21 15.40
CA ILE H 2 12.89 2.21 16.42
C ILE H 2 13.92 1.15 16.09
N GLN H 3 15.15 1.35 16.57
CA GLN H 3 16.23 0.41 16.36
C GLN H 3 16.18 -0.71 17.42
N ALA H 4 17.15 -1.63 17.36
CA ALA H 4 17.17 -2.80 18.22
C ALA H 4 17.96 -2.49 19.50
N SER H 5 18.35 -3.52 20.25
CA SER H 5 19.26 -3.32 21.38
C SER H 5 20.67 -3.76 21.02
N PRO I 1 -4.04 1.05 -14.79
CA PRO I 1 -4.65 2.40 -14.73
C PRO I 1 -4.81 3.02 -16.12
N ILE I 2 -6.03 3.46 -16.44
CA ILE I 2 -6.38 3.96 -17.77
C ILE I 2 -7.26 5.20 -17.60
N GLN I 3 -6.97 6.25 -18.35
CA GLN I 3 -7.78 7.47 -18.32
C GLN I 3 -9.12 7.26 -19.04
N ALA I 4 -10.03 8.22 -18.85
CA ALA I 4 -11.37 8.17 -19.43
C ALA I 4 -11.35 8.85 -20.81
N SER I 5 -12.54 9.07 -21.38
CA SER I 5 -12.66 9.84 -22.62
C SER I 5 -13.37 11.19 -22.38
#